data_6UUL
#
_entry.id   6UUL
#
_cell.length_a   92.731
_cell.length_b   97.870
_cell.length_c   125.550
_cell.angle_alpha   90.000
_cell.angle_beta   90.000
_cell.angle_gamma   90.000
#
_symmetry.space_group_name_H-M   'P 21 21 21'
#
loop_
_entity.id
_entity.type
_entity.pdbx_description
1 polymer 'D5 Fab Heavy Chain'
2 polymer 'D5 Fab Light Chain'
3 branched 2-acetamido-2-deoxy-beta-D-glucopyranose-(1-4)-[alpha-L-fucopyranose-(1-6)]2-acetamido-2-deoxy-beta-D-glucopyranose
4 non-polymer 2-acetamido-2-deoxy-beta-D-glucopyranose
5 non-polymer GLYCEROL
6 water water
#
loop_
_entity_poly.entity_id
_entity_poly.type
_entity_poly.pdbx_seq_one_letter_code
_entity_poly.pdbx_strand_id
1 'polypeptide(L)'
;QVQLVQSGAEVKKPGSSVTISCKPVGGTFTNFAIHWVRQAPGQGLEWVGGRVPVVGIYKYGKKFHDRLRLYEDDPMKTVF
LELRSLTSDDTGVYYCTRWRGCGMCPYDTSSYYNDASDVWGPGTKVIVSAASTKGPSVFPLAPSSKSTSGGTAALGCLVK
DYFPEPVTVSWNSGALTSGVHTFPAVLQSSGLYSLSSVVTVPSSSLGTQTYICNVNHKPSNTKVDKKVEPKSCDK
;
A,C
2 'polypeptide(L)'
;EIVLTQSPVTLSLSSGETGTLSCRASQNISSSWIAWYQQRRGQVPRLLISAASARAAGIPDRFTGRGSGTDFTLTITRLE
PEDLGVYSCQYYGGSFFTFGPGTQVDVKRTVAAPSVFIFPPSDEQLKSGTASVVCLLNNFYPREAKVQWKVDNALQSGNS
QESVTEQDSKDSTYSLSSTLTLSKADYEKHKVYACEVTHQGLSSPVTKSFNRGEC
;
B,D
#
# COMPACT_ATOMS: atom_id res chain seq x y z
N GLN A 1 35.92 7.24 14.34
CA GLN A 1 35.93 6.95 12.91
C GLN A 1 36.11 8.22 12.08
N VAL A 2 35.69 8.18 10.82
CA VAL A 2 35.78 9.31 9.91
C VAL A 2 34.38 9.62 9.42
N GLN A 3 34.01 10.90 9.42
CA GLN A 3 32.71 11.37 8.97
C GLN A 3 32.88 12.53 8.01
N LEU A 4 31.89 12.73 7.16
CA LEU A 4 31.93 13.79 6.16
C LEU A 4 30.66 14.63 6.27
N VAL A 5 30.83 15.96 6.22
CA VAL A 5 29.75 16.92 6.37
C VAL A 5 29.74 17.83 5.16
N GLN A 6 28.57 17.98 4.54
CA GLN A 6 28.43 18.74 3.30
C GLN A 6 27.51 19.94 3.50
N SER A 7 27.61 20.89 2.57
CA SER A 7 26.78 22.08 2.59
C SER A 7 25.36 21.75 2.12
N GLY A 8 24.47 22.74 2.25
CA GLY A 8 23.05 22.52 2.05
C GLY A 8 22.62 22.57 0.59
N ALA A 9 21.33 22.30 0.39
CA ALA A 9 20.77 22.21 -0.95
C ALA A 9 20.89 23.53 -1.71
N GLU A 10 21.07 23.42 -3.02
CA GLU A 10 21.33 24.56 -3.89
C GLU A 10 20.37 24.57 -5.06
N VAL A 11 19.95 25.77 -5.46
CA VAL A 11 19.16 25.98 -6.67
C VAL A 11 19.91 26.99 -7.53
N LYS A 12 20.29 26.60 -8.74
CA LYS A 12 21.14 27.41 -9.58
C LYS A 12 20.50 27.64 -10.94
N LYS A 13 20.72 28.84 -11.50
CA LYS A 13 20.26 29.18 -12.83
C LYS A 13 21.14 28.53 -13.88
N PRO A 14 20.57 28.12 -15.01
CA PRO A 14 21.39 27.57 -16.10
C PRO A 14 22.45 28.57 -16.55
N GLY A 15 23.68 28.08 -16.68
CA GLY A 15 24.80 28.91 -17.05
C GLY A 15 25.62 29.41 -15.88
N SER A 16 25.08 29.34 -14.67
CA SER A 16 25.82 29.78 -13.48
C SER A 16 26.71 28.64 -12.98
N SER A 17 27.36 28.87 -11.85
CA SER A 17 28.29 27.91 -11.25
C SER A 17 27.92 27.67 -9.80
N VAL A 18 28.21 26.46 -9.32
CA VAL A 18 27.85 26.05 -7.96
C VAL A 18 29.12 25.62 -7.23
N THR A 19 29.14 25.88 -5.93
CA THR A 19 30.25 25.52 -5.06
C THR A 19 29.70 24.74 -3.88
N ILE A 20 30.23 23.53 -3.67
CA ILE A 20 29.81 22.64 -2.59
C ILE A 20 31.01 22.43 -1.68
N SER A 21 30.75 22.33 -0.38
CA SER A 21 31.81 22.16 0.61
C SER A 21 31.65 20.80 1.29
N CYS A 22 32.79 20.23 1.68
CA CYS A 22 32.84 18.95 2.37
C CYS A 22 33.87 19.05 3.49
N LYS A 23 33.41 18.94 4.73
CA LYS A 23 34.31 19.08 5.87
C LYS A 23 34.46 17.74 6.58
N PRO A 24 35.61 17.09 6.50
CA PRO A 24 35.80 15.82 7.20
C PRO A 24 35.85 16.02 8.71
N VAL A 25 35.25 15.07 9.43
CA VAL A 25 35.27 15.04 10.89
C VAL A 25 35.98 13.76 11.30
N GLY A 26 37.25 13.87 11.67
CA GLY A 26 38.04 12.73 12.10
C GLY A 26 39.14 12.41 11.11
N GLY A 27 40.04 11.54 11.56
CA GLY A 27 41.15 11.11 10.74
C GLY A 27 42.04 12.25 10.28
N THR A 28 42.89 11.92 9.32
CA THR A 28 43.83 12.88 8.77
C THR A 28 43.17 13.63 7.61
N PHE A 29 43.95 14.53 6.99
CA PHE A 29 43.43 15.42 5.96
C PHE A 29 44.17 15.31 4.64
N THR A 30 45.43 14.85 4.64
CA THR A 30 46.27 14.88 3.46
C THR A 30 46.70 13.49 3.00
N ASN A 31 46.15 12.43 3.59
CA ASN A 31 46.55 11.08 3.22
C ASN A 31 45.65 10.46 2.16
N PHE A 32 44.37 10.79 2.14
CA PHE A 32 43.40 10.10 1.30
C PHE A 32 42.63 11.11 0.46
N ALA A 33 42.53 10.84 -0.84
CA ALA A 33 41.81 11.71 -1.74
C ALA A 33 40.33 11.75 -1.40
N ILE A 34 39.72 12.91 -1.61
CA ILE A 34 38.27 13.06 -1.53
C ILE A 34 37.72 12.90 -2.94
N HIS A 35 36.81 11.95 -3.12
CA HIS A 35 36.24 11.64 -4.43
C HIS A 35 34.78 12.04 -4.47
N TRP A 36 34.43 12.83 -5.46
CA TRP A 36 33.07 13.33 -5.63
C TRP A 36 32.32 12.44 -6.60
N VAL A 37 31.13 12.01 -6.19
CA VAL A 37 30.25 11.15 -6.98
C VAL A 37 28.88 11.80 -6.96
N ARG A 38 28.24 11.88 -8.14
CA ARG A 38 26.92 12.48 -8.22
C ARG A 38 25.92 11.48 -8.79
N GLN A 39 24.65 11.79 -8.64
CA GLN A 39 23.58 10.95 -9.14
C GLN A 39 22.45 11.83 -9.66
N ALA A 40 22.23 11.80 -10.97
CA ALA A 40 21.08 12.46 -11.56
C ALA A 40 19.81 11.66 -11.24
N PRO A 41 18.65 12.32 -11.25
CA PRO A 41 17.40 11.61 -10.96
C PRO A 41 17.19 10.41 -11.89
N GLY A 42 16.95 9.25 -11.28
CA GLY A 42 16.67 8.04 -12.04
C GLY A 42 17.85 7.53 -12.86
N GLN A 43 19.08 7.82 -12.44
CA GLN A 43 20.26 7.36 -13.16
C GLN A 43 21.28 6.79 -12.19
N GLY A 44 22.34 6.22 -12.75
CA GLY A 44 23.38 5.59 -11.96
C GLY A 44 24.37 6.58 -11.38
N LEU A 45 25.29 6.04 -10.58
CA LEU A 45 26.31 6.86 -9.96
C LEU A 45 27.34 7.29 -10.99
N GLU A 46 27.78 8.54 -10.88
CA GLU A 46 28.72 9.12 -11.84
C GLU A 46 29.86 9.78 -11.09
N TRP A 47 31.09 9.31 -11.34
CA TRP A 47 32.27 9.89 -10.73
C TRP A 47 32.58 11.23 -11.37
N VAL A 48 32.74 12.26 -10.54
CA VAL A 48 33.01 13.61 -11.01
C VAL A 48 34.51 13.92 -11.00
N GLY A 49 35.16 13.69 -9.86
CA GLY A 49 36.59 13.92 -9.75
C GLY A 49 37.03 13.68 -8.33
N GLY A 50 38.33 13.58 -8.14
CA GLY A 50 38.90 13.38 -6.82
C GLY A 50 40.19 14.15 -6.66
N ARG A 51 40.48 14.51 -5.42
CA ARG A 51 41.66 15.31 -5.12
C ARG A 51 42.18 14.99 -3.71
N VAL A 52 43.47 14.70 -3.62
CA VAL A 52 44.17 14.60 -2.33
C VAL A 52 44.41 16.02 -1.83
N PRO A 53 43.86 16.40 -0.68
CA PRO A 53 44.00 17.79 -0.22
C PRO A 53 45.46 18.14 0.08
N VAL A 54 45.79 19.42 -0.12
CA VAL A 54 47.10 19.99 0.17
C VAL A 54 48.17 19.41 -0.75
N VAL A 55 48.27 18.08 -0.81
CA VAL A 55 49.27 17.42 -1.64
C VAL A 55 49.04 17.74 -3.12
N GLY A 56 47.79 17.98 -3.50
CA GLY A 56 47.50 18.45 -4.84
C GLY A 56 47.49 17.40 -5.93
N ILE A 57 47.31 16.14 -5.58
CA ILE A 57 47.11 15.09 -6.57
C ILE A 57 45.63 15.01 -6.88
N TYR A 58 45.27 15.07 -8.16
CA TYR A 58 43.87 15.18 -8.54
C TYR A 58 43.71 14.77 -9.99
N LYS A 59 42.48 14.38 -10.33
CA LYS A 59 42.05 14.17 -11.71
C LYS A 59 40.59 14.57 -11.82
N TYR A 60 40.20 15.00 -13.02
CA TYR A 60 38.83 15.37 -13.32
C TYR A 60 38.26 14.42 -14.36
N GLY A 61 36.98 14.10 -14.23
CA GLY A 61 36.33 13.31 -15.26
C GLY A 61 36.36 14.03 -16.60
N LYS A 62 36.53 13.26 -17.67
CA LYS A 62 36.63 13.84 -19.01
C LYS A 62 35.42 14.70 -19.33
N LYS A 63 34.23 14.26 -18.92
CA LYS A 63 33.00 14.99 -19.17
C LYS A 63 33.00 16.37 -18.51
N PHE A 64 33.78 16.55 -17.44
CA PHE A 64 33.76 17.78 -16.66
C PHE A 64 35.00 18.65 -16.89
N HIS A 65 35.84 18.31 -17.85
CA HIS A 65 37.04 19.11 -18.07
C HIS A 65 36.66 20.47 -18.64
N ASP A 66 37.51 21.47 -18.36
CA ASP A 66 37.27 22.87 -18.70
C ASP A 66 36.02 23.42 -18.04
N ARG A 67 35.57 22.80 -16.94
CA ARG A 67 34.30 23.18 -16.34
C ARG A 67 34.31 22.97 -14.83
N LEU A 68 35.20 22.11 -14.34
CA LEU A 68 35.22 21.72 -12.93
C LEU A 68 36.52 22.19 -12.27
N ARG A 69 36.43 22.42 -10.96
CA ARG A 69 37.61 22.78 -10.17
C ARG A 69 37.45 22.23 -8.76
N LEU A 70 38.45 21.48 -8.31
CA LEU A 70 38.49 20.95 -6.95
C LEU A 70 39.63 21.63 -6.19
N TYR A 71 39.34 22.02 -4.94
CA TYR A 71 40.33 22.74 -4.14
C TYR A 71 39.96 22.59 -2.68
N GLU A 72 40.80 23.15 -1.80
CA GLU A 72 40.60 23.04 -0.37
C GLU A 72 40.98 24.34 0.31
N ASP A 73 40.54 24.48 1.57
CA ASP A 73 41.02 25.52 2.47
C ASP A 73 41.69 24.80 3.64
N ASP A 74 43.02 24.79 3.62
CA ASP A 74 43.78 24.03 4.62
C ASP A 74 43.48 24.46 6.05
N PRO A 75 43.46 25.76 6.39
CA PRO A 75 43.16 26.12 7.80
C PRO A 75 41.83 25.58 8.30
N MET A 76 40.75 25.75 7.54
CA MET A 76 39.44 25.31 7.98
C MET A 76 39.21 23.82 7.79
N LYS A 77 40.15 23.10 7.17
CA LYS A 77 40.02 21.66 6.90
C LYS A 77 38.73 21.37 6.15
N THR A 78 38.62 21.96 4.97
CA THR A 78 37.43 21.88 4.14
C THR A 78 37.84 21.79 2.68
N VAL A 79 37.19 20.90 1.94
CA VAL A 79 37.43 20.75 0.52
C VAL A 79 36.20 21.24 -0.23
N PHE A 80 36.40 21.62 -1.49
CA PHE A 80 35.36 22.27 -2.27
C PHE A 80 35.31 21.70 -3.68
N LEU A 81 34.10 21.65 -4.22
CA LEU A 81 33.86 21.34 -5.62
C LEU A 81 33.20 22.54 -6.28
N GLU A 82 33.69 22.92 -7.45
CA GLU A 82 33.13 24.01 -8.23
C GLU A 82 32.81 23.50 -9.63
N LEU A 83 31.55 23.62 -10.03
CA LEU A 83 31.10 23.21 -11.36
C LEU A 83 30.49 24.42 -12.05
N ARG A 84 31.05 24.79 -13.20
CA ARG A 84 30.64 25.96 -13.95
C ARG A 84 29.71 25.57 -15.10
N SER A 85 29.12 26.58 -15.72
CA SER A 85 28.29 26.42 -16.91
C SER A 85 27.25 25.32 -16.72
N LEU A 86 26.44 25.49 -15.67
CA LEU A 86 25.47 24.46 -15.30
C LEU A 86 24.36 24.35 -16.34
N THR A 87 24.00 23.11 -16.67
CA THR A 87 22.82 22.80 -17.45
C THR A 87 21.98 21.80 -16.67
N SER A 88 20.79 21.49 -17.19
CA SER A 88 19.91 20.56 -16.50
C SER A 88 20.55 19.18 -16.34
N ASP A 89 21.55 18.85 -17.16
CA ASP A 89 22.27 17.59 -17.00
C ASP A 89 23.05 17.51 -15.70
N ASP A 90 23.30 18.64 -15.05
CA ASP A 90 24.05 18.68 -13.80
C ASP A 90 23.16 18.60 -12.57
N THR A 91 21.84 18.51 -12.74
CA THR A 91 20.94 18.40 -11.59
C THR A 91 21.09 17.02 -10.95
N GLY A 92 21.21 16.99 -9.64
CA GLY A 92 21.31 15.73 -8.93
C GLY A 92 21.90 15.92 -7.55
N VAL A 93 22.19 14.78 -6.91
CA VAL A 93 22.74 14.73 -5.57
C VAL A 93 24.24 14.51 -5.66
N TYR A 94 25.01 15.35 -4.99
CA TYR A 94 26.46 15.33 -5.04
C TYR A 94 27.00 14.81 -3.72
N TYR A 95 27.77 13.73 -3.77
CA TYR A 95 28.36 13.11 -2.60
C TYR A 95 29.87 13.33 -2.61
N CYS A 96 30.43 13.71 -1.46
CA CYS A 96 31.86 13.60 -1.25
C CYS A 96 32.13 12.31 -0.48
N THR A 97 33.19 11.60 -0.88
CA THR A 97 33.48 10.27 -0.36
C THR A 97 34.98 10.13 -0.16
N ARG A 98 35.37 9.11 0.61
CA ARG A 98 36.78 8.77 0.75
C ARG A 98 36.90 7.40 1.40
N TRP A 99 38.14 6.91 1.46
CA TRP A 99 38.50 5.65 2.07
C TRP A 99 38.95 5.89 3.49
N ARG A 100 38.41 5.13 4.44
CA ARG A 100 38.76 5.33 5.84
C ARG A 100 40.22 4.99 6.10
N GLY A 101 40.67 3.84 5.59
CA GLY A 101 42.09 3.50 5.68
C GLY A 101 42.58 3.38 7.11
N CYS A 102 43.78 3.91 7.34
CA CYS A 102 44.46 3.81 8.63
C CYS A 102 44.01 4.84 9.65
N GLY A 103 42.84 5.44 9.48
CA GLY A 103 42.33 6.41 10.44
C GLY A 103 43.29 7.55 10.72
N MET A 104 43.93 7.53 11.90
CA MET A 104 44.91 8.55 12.24
C MET A 104 46.26 8.34 11.56
N CYS A 105 46.51 7.13 11.06
CA CYS A 105 47.70 6.79 10.27
C CYS A 105 49.01 7.19 10.95
N PRO A 106 49.31 6.67 12.14
CA PRO A 106 50.60 6.98 12.76
C PRO A 106 51.78 6.34 12.06
N TYR A 107 51.56 5.37 11.20
CA TYR A 107 52.63 4.62 10.55
C TYR A 107 52.73 4.90 9.06
N ASP A 108 51.98 5.86 8.55
CA ASP A 108 52.01 6.16 7.12
C ASP A 108 51.90 7.66 6.91
N THR A 109 52.77 8.20 6.06
CA THR A 109 52.68 9.59 5.63
C THR A 109 52.43 9.72 4.14
N SER A 110 52.28 8.60 3.42
CA SER A 110 52.03 8.66 2.00
C SER A 110 50.61 9.17 1.73
N SER A 111 50.37 9.49 0.46
CA SER A 111 49.06 9.88 -0.01
C SER A 111 48.51 8.82 -0.95
N TYR A 112 47.19 8.64 -0.94
CA TYR A 112 46.55 7.57 -1.68
C TYR A 112 45.38 8.12 -2.48
N TYR A 113 45.45 7.96 -3.81
CA TYR A 113 44.40 8.40 -4.71
C TYR A 113 43.44 7.28 -5.11
N ASN A 114 43.93 6.05 -5.20
CA ASN A 114 43.14 4.94 -5.74
C ASN A 114 42.59 4.09 -4.60
N ASP A 115 41.31 4.29 -4.28
CA ASP A 115 40.67 3.52 -3.23
C ASP A 115 39.16 3.52 -3.47
N ALA A 116 38.51 2.46 -3.01
CA ALA A 116 37.07 2.51 -2.90
C ALA A 116 36.66 3.52 -1.83
N SER A 117 35.37 3.77 -1.72
CA SER A 117 34.86 4.75 -0.76
C SER A 117 33.92 4.06 0.22
N ASP A 118 34.39 3.90 1.45
CA ASP A 118 33.53 3.38 2.51
C ASP A 118 32.99 4.48 3.41
N VAL A 119 33.43 5.71 3.23
CA VAL A 119 32.87 6.86 3.92
C VAL A 119 32.17 7.74 2.89
N TRP A 120 30.90 8.05 3.13
CA TRP A 120 30.09 8.83 2.21
C TRP A 120 29.46 9.99 2.97
N GLY A 121 29.51 11.17 2.38
CA GLY A 121 28.78 12.31 2.89
C GLY A 121 27.28 12.13 2.70
N PRO A 122 26.48 12.95 3.39
CA PRO A 122 25.03 12.81 3.28
C PRO A 122 24.48 13.20 1.91
N GLY A 123 25.25 13.89 1.09
CA GLY A 123 24.77 14.33 -0.20
C GLY A 123 24.26 15.75 -0.22
N THR A 124 24.55 16.48 -1.29
CA THR A 124 24.07 17.84 -1.48
C THR A 124 23.22 17.87 -2.74
N LYS A 125 21.96 18.28 -2.60
CA LYS A 125 21.05 18.35 -3.74
C LYS A 125 21.31 19.64 -4.53
N VAL A 126 21.46 19.51 -5.84
CA VAL A 126 21.66 20.66 -6.72
C VAL A 126 20.57 20.64 -7.79
N ILE A 127 19.75 21.69 -7.81
CA ILE A 127 18.66 21.83 -8.77
C ILE A 127 19.04 22.93 -9.75
N VAL A 128 19.19 22.56 -11.02
CA VAL A 128 19.49 23.53 -12.08
C VAL A 128 18.16 23.93 -12.72
N SER A 129 17.73 25.17 -12.49
CA SER A 129 16.45 25.63 -12.98
C SER A 129 16.43 27.15 -13.02
N ALA A 130 15.91 27.69 -14.12
CA ALA A 130 15.67 29.13 -14.25
C ALA A 130 14.21 29.43 -13.93
N ALA A 131 13.86 29.22 -12.67
CA ALA A 131 12.49 29.39 -12.23
C ALA A 131 12.46 29.90 -10.80
N SER A 132 11.49 30.75 -10.50
CA SER A 132 11.24 31.23 -9.16
C SER A 132 10.04 30.49 -8.56
N THR A 133 9.79 30.75 -7.28
CA THR A 133 8.67 30.12 -6.59
C THR A 133 7.36 30.41 -7.33
N LYS A 134 6.58 29.36 -7.55
CA LYS A 134 5.35 29.49 -8.33
C LYS A 134 4.39 28.38 -7.94
N GLY A 135 3.13 28.74 -7.71
CA GLY A 135 2.12 27.77 -7.33
C GLY A 135 1.67 26.94 -8.51
N PRO A 136 1.21 25.72 -8.23
CA PRO A 136 0.75 24.84 -9.30
C PRO A 136 -0.63 25.24 -9.81
N SER A 137 -0.94 24.74 -11.00
CA SER A 137 -2.29 24.79 -11.55
C SER A 137 -2.80 23.35 -11.64
N VAL A 138 -3.94 23.09 -11.01
CA VAL A 138 -4.47 21.75 -10.83
C VAL A 138 -5.56 21.50 -11.88
N PHE A 139 -5.34 20.51 -12.75
CA PHE A 139 -6.32 20.15 -13.77
C PHE A 139 -6.87 18.75 -13.51
N PRO A 140 -8.15 18.53 -13.81
CA PRO A 140 -8.73 17.20 -13.60
C PRO A 140 -8.37 16.23 -14.72
N LEU A 141 -8.28 14.96 -14.36
CA LEU A 141 -8.11 13.86 -15.29
C LEU A 141 -9.43 13.09 -15.28
N ALA A 142 -10.31 13.43 -16.21
CA ALA A 142 -11.70 12.98 -16.15
C ALA A 142 -11.82 11.53 -16.62
N PRO A 143 -12.56 10.69 -15.90
CA PRO A 143 -12.80 9.32 -16.36
C PRO A 143 -13.98 9.21 -17.30
N SER A 144 -13.84 8.32 -18.30
CA SER A 144 -14.93 8.04 -19.22
C SER A 144 -14.64 6.79 -20.07
N SER A 145 -15.54 5.81 -20.01
CA SER A 145 -15.44 4.60 -20.81
C SER A 145 -16.76 3.84 -20.68
N LYS A 146 -16.89 2.75 -21.41
CA LYS A 146 -18.07 1.89 -21.34
C LYS A 146 -17.87 0.79 -20.31
N SER A 149 -13.30 -0.50 -17.52
CA SER A 149 -12.28 -1.50 -17.24
C SER A 149 -12.73 -2.47 -16.15
N GLY A 150 -13.68 -3.33 -16.49
CA GLY A 150 -14.18 -4.31 -15.54
C GLY A 150 -14.87 -3.71 -14.34
N GLY A 151 -15.68 -2.66 -14.57
CA GLY A 151 -16.34 -1.98 -13.48
C GLY A 151 -15.44 -1.08 -12.66
N THR A 152 -14.19 -0.87 -13.08
CA THR A 152 -13.24 -0.03 -12.38
C THR A 152 -12.75 1.07 -13.32
N ALA A 153 -12.92 2.31 -12.92
CA ALA A 153 -12.47 3.45 -13.69
C ALA A 153 -11.36 4.17 -12.95
N ALA A 154 -10.56 4.93 -13.71
CA ALA A 154 -9.47 5.71 -13.15
C ALA A 154 -9.75 7.19 -13.37
N LEU A 155 -9.45 8.00 -12.37
CA LEU A 155 -9.49 9.45 -12.46
C LEU A 155 -8.32 10.01 -11.68
N GLY A 156 -8.06 11.30 -11.84
CA GLY A 156 -6.96 11.90 -11.10
C GLY A 156 -6.86 13.38 -11.34
N CYS A 157 -5.76 13.94 -10.83
CA CYS A 157 -5.47 15.36 -10.92
C CYS A 157 -4.06 15.54 -11.47
N LEU A 158 -3.92 16.44 -12.44
CA LEU A 158 -2.63 16.79 -13.02
C LEU A 158 -2.15 18.08 -12.37
N VAL A 159 -1.10 17.97 -11.55
CA VAL A 159 -0.56 19.09 -10.79
C VAL A 159 0.67 19.61 -11.53
N LYS A 160 0.53 20.76 -12.18
CA LYS A 160 1.49 21.18 -13.20
C LYS A 160 2.06 22.57 -12.91
N ASP A 161 3.32 22.76 -13.33
CA ASP A 161 3.95 24.08 -13.47
C ASP A 161 4.17 24.77 -12.13
N TYR A 162 4.80 24.07 -11.20
CA TYR A 162 5.13 24.65 -9.91
C TYR A 162 6.63 24.55 -9.64
N PHE A 163 7.08 25.30 -8.64
CA PHE A 163 8.46 25.33 -8.18
C PHE A 163 8.52 26.07 -6.86
N PRO A 164 9.26 25.57 -5.87
CA PRO A 164 9.99 24.30 -5.96
C PRO A 164 9.24 23.13 -5.34
N GLU A 165 9.90 21.99 -5.26
CA GLU A 165 9.41 20.84 -4.51
C GLU A 165 9.28 21.23 -3.04
N PRO A 166 8.34 20.61 -2.30
CA PRO A 166 7.33 19.63 -2.69
C PRO A 166 5.90 20.17 -2.74
N VAL A 167 5.00 19.30 -3.20
CA VAL A 167 3.57 19.51 -3.12
C VAL A 167 2.96 18.24 -2.55
N THR A 168 1.94 18.38 -1.72
CA THR A 168 1.26 17.24 -1.13
C THR A 168 -0.14 17.12 -1.71
N VAL A 169 -0.54 15.88 -1.99
CA VAL A 169 -1.81 15.58 -2.63
C VAL A 169 -2.55 14.55 -1.80
N SER A 170 -3.84 14.78 -1.58
CA SER A 170 -4.71 13.82 -0.91
C SER A 170 -6.06 13.85 -1.61
N TRP A 171 -6.89 12.85 -1.30
CA TRP A 171 -8.19 12.70 -1.93
C TRP A 171 -9.27 12.69 -0.86
N ASN A 172 -10.32 13.48 -1.07
CA ASN A 172 -11.46 13.59 -0.15
C ASN A 172 -10.97 13.85 1.27
N SER A 173 -10.06 14.81 1.41
CA SER A 173 -9.49 15.21 2.70
C SER A 173 -8.87 14.03 3.43
N GLY A 174 -8.25 13.12 2.66
CA GLY A 174 -7.59 11.96 3.21
C GLY A 174 -8.49 10.79 3.50
N ALA A 175 -9.79 10.88 3.19
CA ALA A 175 -10.70 9.77 3.43
C ALA A 175 -10.58 8.69 2.36
N LEU A 176 -10.02 9.01 1.19
CA LEU A 176 -9.87 8.07 0.09
C LEU A 176 -8.38 7.77 -0.08
N THR A 177 -7.97 6.55 0.27
CA THR A 177 -6.56 6.17 0.20
C THR A 177 -6.31 4.94 -0.68
N SER A 178 -7.24 4.00 -0.73
CA SER A 178 -7.04 2.79 -1.53
C SER A 178 -7.00 3.13 -3.02
N GLY A 179 -6.10 2.46 -3.73
CA GLY A 179 -5.97 2.67 -5.16
C GLY A 179 -5.36 3.98 -5.58
N VAL A 180 -4.82 4.76 -4.65
CA VAL A 180 -4.24 6.05 -4.95
C VAL A 180 -2.78 5.87 -5.34
N HIS A 181 -2.39 6.44 -6.48
CA HIS A 181 -0.98 6.50 -6.88
C HIS A 181 -0.63 7.95 -7.17
N THR A 182 0.21 8.54 -6.32
CA THR A 182 0.76 9.87 -6.54
C THR A 182 2.19 9.69 -7.04
N PHE A 183 2.43 10.04 -8.30
CA PHE A 183 3.70 9.77 -8.95
C PHE A 183 4.76 10.79 -8.56
N PRO A 184 6.03 10.39 -8.60
CA PRO A 184 7.12 11.35 -8.36
C PRO A 184 7.07 12.50 -9.35
N ALA A 185 7.33 13.71 -8.84
CA ALA A 185 7.37 14.87 -9.70
C ALA A 185 8.50 14.76 -10.72
N VAL A 186 8.30 15.38 -11.87
CA VAL A 186 9.33 15.44 -12.90
C VAL A 186 9.56 16.90 -13.26
N LEU A 187 10.83 17.25 -13.47
CA LEU A 187 11.18 18.59 -13.92
C LEU A 187 11.02 18.65 -15.43
N GLN A 188 10.17 19.55 -15.91
CA GLN A 188 10.01 19.69 -17.35
C GLN A 188 11.01 20.72 -17.87
N SER A 189 11.05 20.89 -19.19
CA SER A 189 12.07 21.73 -19.82
C SER A 189 12.02 23.17 -19.34
N SER A 190 10.88 23.63 -18.84
CA SER A 190 10.72 24.99 -18.36
C SER A 190 11.32 25.20 -16.97
N GLY A 191 11.83 24.16 -16.33
CA GLY A 191 12.34 24.28 -14.98
C GLY A 191 11.29 24.23 -13.90
N LEU A 192 10.06 23.87 -14.23
CA LEU A 192 8.97 23.74 -13.27
C LEU A 192 8.62 22.28 -13.08
N TYR A 193 8.23 21.93 -11.86
CA TYR A 193 7.86 20.56 -11.56
C TYR A 193 6.43 20.27 -12.04
N SER A 194 6.13 18.99 -12.17
CA SER A 194 4.80 18.54 -12.58
C SER A 194 4.62 17.08 -12.19
N LEU A 195 3.42 16.76 -11.69
CA LEU A 195 3.10 15.39 -11.35
C LEU A 195 1.60 15.21 -11.53
N SER A 196 1.18 13.95 -11.49
CA SER A 196 -0.22 13.59 -11.47
C SER A 196 -0.47 12.62 -10.32
N SER A 197 -1.69 12.63 -9.80
CA SER A 197 -2.13 11.68 -8.79
C SER A 197 -3.39 11.01 -9.31
N VAL A 198 -3.37 9.69 -9.41
CA VAL A 198 -4.50 8.94 -9.93
C VAL A 198 -5.07 8.06 -8.83
N VAL A 199 -6.31 7.64 -9.04
CA VAL A 199 -6.99 6.72 -8.14
C VAL A 199 -8.00 5.93 -8.97
N THR A 200 -8.10 4.63 -8.68
CA THR A 200 -9.07 3.76 -9.32
C THR A 200 -10.29 3.66 -8.43
N VAL A 201 -11.47 3.83 -9.03
CA VAL A 201 -12.73 3.79 -8.28
C VAL A 201 -13.70 2.90 -9.03
N PRO A 202 -14.73 2.39 -8.34
CA PRO A 202 -15.79 1.66 -9.03
C PRO A 202 -16.54 2.58 -9.98
N SER A 203 -16.61 2.19 -11.25
CA SER A 203 -17.23 3.03 -12.27
C SER A 203 -18.73 3.20 -12.04
N SER A 204 -19.38 2.28 -11.32
CA SER A 204 -20.80 2.40 -11.07
C SER A 204 -21.13 3.55 -10.13
N SER A 205 -20.15 4.05 -9.37
CA SER A 205 -20.38 5.12 -8.40
C SER A 205 -19.85 6.47 -8.88
N LEU A 206 -19.64 6.63 -10.19
CA LEU A 206 -19.12 7.90 -10.69
C LEU A 206 -20.16 9.01 -10.59
N GLY A 207 -21.43 8.69 -10.84
CA GLY A 207 -22.48 9.68 -10.72
C GLY A 207 -22.94 9.97 -9.32
N THR A 208 -22.52 9.18 -8.35
CA THR A 208 -22.95 9.31 -6.96
C THR A 208 -21.87 9.86 -6.05
N GLN A 209 -20.66 9.31 -6.12
CA GLN A 209 -19.58 9.71 -5.22
C GLN A 209 -18.86 10.93 -5.76
N THR A 210 -18.52 11.84 -4.85
CA THR A 210 -17.76 13.04 -5.17
C THR A 210 -16.28 12.78 -4.94
N TYR A 211 -15.46 13.09 -5.94
CA TYR A 211 -14.02 12.91 -5.86
C TYR A 211 -13.34 14.26 -5.97
N ILE A 212 -12.60 14.63 -4.92
CA ILE A 212 -11.86 15.88 -4.88
C ILE A 212 -10.42 15.56 -4.48
N CYS A 213 -9.47 16.19 -5.17
CA CYS A 213 -8.06 16.09 -4.81
C CYS A 213 -7.63 17.37 -4.12
N ASN A 214 -6.86 17.22 -3.04
CA ASN A 214 -6.41 18.35 -2.21
C ASN A 214 -4.94 18.60 -2.49
N VAL A 215 -4.64 19.73 -3.12
CA VAL A 215 -3.28 20.07 -3.55
C VAL A 215 -2.78 21.21 -2.68
N ASN A 216 -1.69 20.97 -1.95
CA ASN A 216 -1.16 21.94 -1.01
C ASN A 216 0.32 22.17 -1.32
N HIS A 217 0.67 23.41 -1.66
CA HIS A 217 2.03 23.80 -2.01
C HIS A 217 2.51 24.84 -1.01
N LYS A 218 3.19 24.38 0.04
CA LYS A 218 3.60 25.26 1.12
C LYS A 218 4.51 26.41 0.65
N PRO A 219 5.56 26.18 -0.13
CA PRO A 219 6.43 27.32 -0.51
C PRO A 219 5.71 28.43 -1.25
N SER A 220 4.53 28.18 -1.81
CA SER A 220 3.73 29.20 -2.46
C SER A 220 2.50 29.58 -1.67
N ASN A 221 2.27 28.94 -0.52
CA ASN A 221 1.08 29.16 0.30
C ASN A 221 -0.20 28.99 -0.54
N THR A 222 -0.25 27.88 -1.28
CA THR A 222 -1.33 27.61 -2.21
C THR A 222 -2.03 26.31 -1.80
N LYS A 223 -3.35 26.37 -1.70
CA LYS A 223 -4.18 25.20 -1.46
C LYS A 223 -5.31 25.20 -2.48
N VAL A 224 -5.47 24.08 -3.18
CA VAL A 224 -6.48 23.94 -4.22
C VAL A 224 -7.26 22.66 -3.98
N ASP A 225 -8.56 22.69 -4.27
CA ASP A 225 -9.43 21.52 -4.23
C ASP A 225 -10.18 21.46 -5.55
N LYS A 226 -9.90 20.44 -6.36
CA LYS A 226 -10.48 20.30 -7.68
C LYS A 226 -11.36 19.07 -7.72
N LYS A 227 -12.65 19.26 -7.99
CA LYS A 227 -13.58 18.16 -8.13
C LYS A 227 -13.41 17.55 -9.52
N VAL A 228 -13.25 16.23 -9.56
CA VAL A 228 -13.01 15.50 -10.80
C VAL A 228 -14.32 14.83 -11.20
N GLU A 229 -14.97 15.37 -12.22
CA GLU A 229 -16.23 14.86 -12.73
C GLU A 229 -16.03 14.23 -14.10
N PRO A 230 -16.84 13.23 -14.45
CA PRO A 230 -16.82 12.74 -15.84
C PRO A 230 -17.42 13.76 -16.77
N LYS A 231 -16.72 14.06 -17.87
CA LYS A 231 -17.18 15.05 -18.82
C LYS A 231 -18.23 14.44 -19.74
N SER A 232 -19.37 15.12 -19.89
CA SER A 232 -20.45 14.64 -20.73
C SER A 232 -21.19 15.80 -21.39
N GLU B 1 40.05 4.40 -21.46
CA GLU B 1 38.59 4.37 -21.45
C GLU B 1 38.07 3.00 -21.00
N ILE B 2 37.93 2.84 -19.69
CA ILE B 2 37.38 1.62 -19.11
C ILE B 2 35.91 1.86 -18.81
N VAL B 3 35.04 1.04 -19.41
CA VAL B 3 33.60 1.14 -19.25
C VAL B 3 33.09 -0.14 -18.61
N LEU B 4 32.28 0.00 -17.57
CA LEU B 4 31.67 -1.13 -16.89
C LEU B 4 30.22 -1.26 -17.32
N THR B 5 29.82 -2.47 -17.68
CA THR B 5 28.41 -2.80 -17.92
C THR B 5 27.95 -3.78 -16.86
N GLN B 6 26.65 -3.78 -16.61
CA GLN B 6 26.07 -4.67 -15.61
C GLN B 6 24.86 -5.39 -16.19
N SER B 7 24.58 -6.56 -15.62
CA SER B 7 23.43 -7.36 -15.97
C SER B 7 23.00 -8.14 -14.74
N PRO B 8 21.69 -8.37 -14.56
CA PRO B 8 20.62 -7.88 -15.43
C PRO B 8 20.28 -6.42 -15.14
N VAL B 9 19.27 -5.88 -15.83
CA VAL B 9 18.81 -4.54 -15.50
C VAL B 9 18.04 -4.55 -14.19
N THR B 10 17.17 -5.54 -14.02
CA THR B 10 16.39 -5.70 -12.79
C THR B 10 16.46 -7.17 -12.40
N LEU B 11 16.82 -7.44 -11.15
CA LEU B 11 16.88 -8.80 -10.62
C LEU B 11 15.75 -8.96 -9.62
N SER B 12 14.82 -9.85 -9.92
CA SER B 12 13.66 -10.09 -9.07
C SER B 12 13.88 -11.35 -8.24
N LEU B 13 13.78 -11.24 -6.92
CA LEU B 13 14.04 -12.35 -6.02
C LEU B 13 13.00 -12.36 -4.92
N SER B 14 12.74 -13.55 -4.39
CA SER B 14 11.93 -13.73 -3.20
C SER B 14 12.82 -13.79 -1.97
N SER B 15 12.22 -13.53 -0.81
CA SER B 15 12.95 -13.64 0.45
C SER B 15 13.53 -15.04 0.61
N GLY B 16 14.85 -15.11 0.78
CA GLY B 16 15.55 -16.36 0.93
C GLY B 16 16.17 -16.91 -0.34
N GLU B 17 15.85 -16.35 -1.50
CA GLU B 17 16.47 -16.80 -2.73
C GLU B 17 17.91 -16.28 -2.82
N THR B 18 18.62 -16.77 -3.82
CA THR B 18 19.99 -16.37 -4.11
C THR B 18 20.03 -15.69 -5.47
N GLY B 19 20.72 -14.56 -5.54
CA GLY B 19 20.85 -13.83 -6.79
C GLY B 19 22.30 -13.51 -7.08
N THR B 20 22.62 -13.48 -8.38
CA THR B 20 23.97 -13.22 -8.85
C THR B 20 23.93 -12.03 -9.82
N LEU B 21 24.64 -10.96 -9.46
CA LEU B 21 24.74 -9.77 -10.28
C LEU B 21 26.08 -9.75 -11.00
N SER B 22 26.08 -9.33 -12.26
CA SER B 22 27.26 -9.41 -13.10
C SER B 22 27.74 -8.01 -13.49
N CYS B 23 29.05 -7.83 -13.51
CA CYS B 23 29.70 -6.61 -13.96
C CYS B 23 30.74 -7.00 -15.00
N ARG B 24 30.79 -6.28 -16.12
CA ARG B 24 31.63 -6.63 -17.25
C ARG B 24 32.49 -5.43 -17.63
N ALA B 25 33.81 -5.65 -17.72
CA ALA B 25 34.74 -4.58 -18.02
C ALA B 25 35.05 -4.53 -19.52
N SER B 26 35.39 -3.34 -19.99
CA SER B 26 35.73 -3.15 -21.41
C SER B 26 36.96 -3.97 -21.79
N GLN B 27 37.94 -4.06 -20.90
CA GLN B 27 39.18 -4.79 -21.15
C GLN B 27 39.57 -5.51 -19.88
N ASN B 28 40.66 -6.26 -19.94
CA ASN B 28 41.20 -6.91 -18.76
C ASN B 28 41.59 -5.85 -17.73
N ILE B 29 41.21 -6.10 -16.47
CA ILE B 29 41.58 -5.23 -15.36
C ILE B 29 41.96 -6.10 -14.18
N SER B 30 42.73 -5.52 -13.27
CA SER B 30 43.10 -6.22 -12.05
C SER B 30 41.93 -6.20 -11.07
N SER B 31 41.77 -7.30 -10.34
CA SER B 31 40.73 -7.38 -9.33
C SER B 31 40.98 -6.45 -8.15
N SER B 32 42.17 -5.86 -8.06
CA SER B 32 42.49 -4.97 -6.95
C SER B 32 41.67 -3.67 -6.98
N TRP B 33 41.08 -3.32 -8.12
CA TRP B 33 40.47 -2.01 -8.30
C TRP B 33 38.98 -2.08 -8.61
N ILE B 34 38.30 -3.12 -8.13
CA ILE B 34 36.87 -3.32 -8.37
C ILE B 34 36.13 -3.27 -7.04
N ALA B 35 35.04 -2.51 -6.99
CA ALA B 35 34.21 -2.40 -5.80
C ALA B 35 32.74 -2.57 -6.15
N TRP B 36 31.95 -2.92 -5.13
CA TRP B 36 30.50 -3.01 -5.24
C TRP B 36 29.86 -2.12 -4.17
N TYR B 37 28.82 -1.39 -4.56
CA TYR B 37 28.11 -0.51 -3.66
C TYR B 37 26.63 -0.86 -3.64
N GLN B 38 25.99 -0.63 -2.49
CA GLN B 38 24.57 -0.85 -2.31
C GLN B 38 23.89 0.48 -1.99
N GLN B 39 22.78 0.76 -2.66
CA GLN B 39 21.98 1.95 -2.37
C GLN B 39 20.54 1.53 -2.14
N ARG B 40 20.06 1.69 -0.92
CA ARG B 40 18.64 1.57 -0.65
C ARG B 40 17.93 2.87 -1.02
N ARG B 41 16.62 2.77 -1.25
CA ARG B 41 15.88 3.94 -1.73
C ARG B 41 15.95 5.06 -0.69
N GLY B 42 16.31 6.26 -1.16
CA GLY B 42 16.41 7.42 -0.31
C GLY B 42 17.64 7.50 0.57
N GLN B 43 18.47 6.45 0.60
CA GLN B 43 19.64 6.43 1.46
C GLN B 43 20.92 6.61 0.65
N VAL B 44 21.99 6.95 1.37
CA VAL B 44 23.30 7.16 0.73
C VAL B 44 23.87 5.81 0.35
N PRO B 45 24.62 5.73 -0.75
CA PRO B 45 25.26 4.46 -1.10
C PRO B 45 26.20 3.98 0.00
N ARG B 46 26.47 2.69 -0.02
CA ARG B 46 27.28 2.04 1.00
C ARG B 46 28.21 1.04 0.34
N LEU B 47 29.47 1.03 0.76
CA LEU B 47 30.43 0.08 0.22
C LEU B 47 30.14 -1.31 0.76
N LEU B 48 30.04 -2.28 -0.15
CA LEU B 48 29.90 -3.69 0.21
C LEU B 48 31.20 -4.45 0.09
N ILE B 49 31.85 -4.37 -1.07
CA ILE B 49 33.02 -5.17 -1.41
C ILE B 49 34.04 -4.24 -2.07
N SER B 50 35.31 -4.41 -1.70
CA SER B 50 36.40 -3.74 -2.39
C SER B 50 37.42 -4.79 -2.81
N ALA B 51 38.27 -4.42 -3.77
CA ALA B 51 39.26 -5.34 -4.33
C ALA B 51 38.60 -6.65 -4.79
N ALA B 52 37.42 -6.50 -5.40
CA ALA B 52 36.64 -7.57 -6.03
C ALA B 52 36.00 -8.54 -5.02
N SER B 53 36.69 -8.86 -3.93
CA SER B 53 36.22 -9.91 -3.05
C SER B 53 36.37 -9.63 -1.56
N ALA B 54 36.93 -8.49 -1.16
CA ALA B 54 37.13 -8.18 0.25
C ALA B 54 35.88 -7.51 0.80
N ARG B 55 35.19 -8.20 1.71
CA ARG B 55 33.96 -7.67 2.27
C ARG B 55 34.25 -6.51 3.22
N ALA B 56 33.57 -5.39 3.02
CA ALA B 56 33.76 -4.24 3.87
C ALA B 56 33.33 -4.54 5.31
N ALA B 57 33.79 -3.71 6.23
CA ALA B 57 33.46 -3.92 7.64
C ALA B 57 31.98 -3.69 7.89
N GLY B 58 31.40 -4.54 8.73
CA GLY B 58 29.99 -4.46 9.04
C GLY B 58 29.07 -5.07 8.01
N ILE B 59 29.59 -5.49 6.87
CA ILE B 59 28.75 -6.05 5.80
C ILE B 59 28.51 -7.53 6.10
N PRO B 60 27.26 -7.99 6.10
CA PRO B 60 26.98 -9.39 6.44
C PRO B 60 27.54 -10.35 5.40
N ASP B 61 27.69 -11.60 5.84
CA ASP B 61 28.28 -12.66 5.04
C ASP B 61 27.42 -13.05 3.83
N ARG B 62 26.18 -12.56 3.74
CA ARG B 62 25.33 -12.91 2.61
C ARG B 62 25.91 -12.41 1.29
N PHE B 63 26.67 -11.32 1.32
CA PHE B 63 27.27 -10.75 0.12
C PHE B 63 28.67 -11.32 -0.08
N THR B 64 28.95 -11.82 -1.28
CA THR B 64 30.29 -12.28 -1.63
C THR B 64 30.61 -11.84 -3.04
N GLY B 65 31.80 -11.27 -3.24
CA GLY B 65 32.26 -10.84 -4.54
C GLY B 65 33.29 -11.78 -5.10
N ARG B 66 33.25 -11.97 -6.42
CA ARG B 66 34.18 -12.85 -7.12
C ARG B 66 34.51 -12.22 -8.47
N GLY B 67 35.54 -12.74 -9.11
CA GLY B 67 35.82 -12.35 -10.47
C GLY B 67 37.27 -12.06 -10.78
N SER B 68 37.58 -11.98 -12.07
CA SER B 68 38.91 -11.67 -12.56
C SER B 68 38.82 -11.34 -14.04
N GLY B 69 39.86 -10.70 -14.55
CA GLY B 69 39.91 -10.34 -15.96
C GLY B 69 38.89 -9.30 -16.34
N THR B 70 37.74 -9.74 -16.87
CA THR B 70 36.71 -8.82 -17.29
C THR B 70 35.33 -9.16 -16.72
N ASP B 71 35.18 -10.27 -16.01
CA ASP B 71 33.89 -10.71 -15.48
C ASP B 71 33.95 -10.71 -13.96
N PHE B 72 33.09 -9.90 -13.35
CA PHE B 72 33.01 -9.83 -11.89
C PHE B 72 31.55 -10.00 -11.48
N THR B 73 31.34 -10.71 -10.37
CA THR B 73 30.00 -11.02 -9.89
C THR B 73 29.87 -10.71 -8.42
N LEU B 74 28.66 -10.33 -8.02
CA LEU B 74 28.27 -10.17 -6.64
C LEU B 74 27.11 -11.14 -6.37
N THR B 75 27.26 -12.00 -5.38
CA THR B 75 26.23 -12.98 -5.05
C THR B 75 25.59 -12.60 -3.71
N ILE B 76 24.26 -12.59 -3.69
CA ILE B 76 23.49 -12.37 -2.48
C ILE B 76 22.73 -13.65 -2.18
N THR B 77 23.05 -14.28 -1.05
CA THR B 77 22.37 -15.48 -0.61
C THR B 77 21.43 -15.14 0.54
N ARG B 78 20.33 -15.90 0.64
CA ARG B 78 19.34 -15.71 1.70
C ARG B 78 18.82 -14.28 1.71
N LEU B 79 18.33 -13.83 0.55
CA LEU B 79 17.93 -12.44 0.39
C LEU B 79 16.92 -12.05 1.46
N GLU B 80 17.18 -10.92 2.10
CA GLU B 80 16.33 -10.35 3.13
C GLU B 80 15.81 -8.99 2.67
N PRO B 81 14.71 -8.50 3.25
CA PRO B 81 14.11 -7.25 2.74
C PRO B 81 15.05 -6.06 2.73
N GLU B 82 15.99 -5.98 3.67
CA GLU B 82 16.93 -4.86 3.67
C GLU B 82 17.83 -4.85 2.44
N ASP B 83 17.90 -5.95 1.69
CA ASP B 83 18.74 -6.05 0.52
C ASP B 83 18.10 -5.47 -0.74
N LEU B 84 16.87 -4.99 -0.66
CA LEU B 84 16.24 -4.38 -1.83
C LEU B 84 16.88 -3.04 -2.14
N GLY B 85 17.30 -2.85 -3.39
CA GLY B 85 17.90 -1.59 -3.77
C GLY B 85 18.64 -1.74 -5.09
N VAL B 86 19.58 -0.82 -5.29
CA VAL B 86 20.37 -0.75 -6.52
C VAL B 86 21.82 -1.05 -6.17
N TYR B 87 22.42 -2.01 -6.90
CA TYR B 87 23.79 -2.42 -6.68
C TYR B 87 24.63 -1.98 -7.87
N SER B 88 25.75 -1.33 -7.59
CA SER B 88 26.60 -0.73 -8.62
C SER B 88 28.03 -1.20 -8.44
N CYS B 89 28.68 -1.54 -9.55
CA CYS B 89 30.10 -1.85 -9.53
C CYS B 89 30.90 -0.61 -9.93
N GLN B 90 32.15 -0.56 -9.48
CA GLN B 90 33.02 0.59 -9.66
C GLN B 90 34.43 0.13 -9.94
N TYR B 91 35.10 0.81 -10.87
CA TYR B 91 36.53 0.64 -11.10
C TYR B 91 37.24 1.88 -10.58
N TYR B 92 38.16 1.69 -9.63
CA TYR B 92 38.86 2.81 -9.03
C TYR B 92 40.37 2.71 -9.24
N GLY B 93 40.78 2.06 -10.33
CA GLY B 93 42.18 2.06 -10.71
C GLY B 93 42.48 3.15 -11.74
N GLY B 94 43.77 3.40 -11.92
CA GLY B 94 44.14 4.45 -12.87
C GLY B 94 43.73 5.84 -12.40
N SER B 95 43.48 6.71 -13.36
CA SER B 95 43.20 8.11 -13.06
C SER B 95 41.71 8.44 -13.03
N PHE B 96 40.90 7.78 -13.84
CA PHE B 96 39.49 8.14 -14.02
C PHE B 96 38.60 6.99 -13.52
N PHE B 97 37.93 7.21 -12.39
CA PHE B 97 37.04 6.20 -11.85
C PHE B 97 35.76 6.12 -12.68
N THR B 98 35.12 4.95 -12.66
CA THR B 98 33.88 4.78 -13.38
C THR B 98 32.98 3.80 -12.63
N PHE B 99 31.67 3.99 -12.79
CA PHE B 99 30.65 3.14 -12.20
C PHE B 99 29.87 2.43 -13.28
N GLY B 100 29.37 1.24 -12.96
CA GLY B 100 28.41 0.57 -13.81
C GLY B 100 27.04 1.24 -13.70
N PRO B 101 26.15 0.93 -14.63
CA PRO B 101 24.81 1.56 -14.61
C PRO B 101 23.97 1.16 -13.41
N GLY B 102 24.33 0.11 -12.69
CA GLY B 102 23.53 -0.34 -11.56
C GLY B 102 22.53 -1.41 -11.94
N THR B 103 22.27 -2.31 -11.00
CA THR B 103 21.25 -3.34 -11.13
C THR B 103 20.24 -3.16 -10.01
N GLN B 104 18.95 -3.16 -10.36
CA GLN B 104 17.88 -3.05 -9.37
C GLN B 104 17.49 -4.44 -8.89
N VAL B 105 17.39 -4.59 -7.56
CA VAL B 105 16.92 -5.83 -6.95
C VAL B 105 15.57 -5.55 -6.33
N ASP B 106 14.52 -6.19 -6.86
CA ASP B 106 13.17 -5.93 -6.41
C ASP B 106 12.48 -7.23 -6.06
N VAL B 107 11.27 -7.11 -5.50
CA VAL B 107 10.52 -8.26 -5.01
C VAL B 107 9.91 -9.02 -6.19
N LYS B 108 10.05 -10.34 -6.17
CA LYS B 108 9.50 -11.18 -7.22
C LYS B 108 8.01 -11.40 -6.99
N ARG B 109 7.25 -11.45 -8.09
CA ARG B 109 5.85 -11.84 -8.07
C ARG B 109 5.49 -12.34 -9.46
N THR B 110 4.26 -12.78 -9.62
CA THR B 110 3.84 -13.26 -10.94
C THR B 110 3.63 -12.08 -11.88
N VAL B 111 3.66 -12.37 -13.17
CA VAL B 111 3.49 -11.34 -14.18
C VAL B 111 2.09 -10.76 -14.10
N ALA B 112 1.99 -9.44 -14.24
CA ALA B 112 0.69 -8.75 -14.25
C ALA B 112 0.72 -7.69 -15.34
N ALA B 113 -0.15 -7.83 -16.33
CA ALA B 113 -0.27 -6.83 -17.37
C ALA B 113 -0.82 -5.53 -16.77
N PRO B 114 -0.42 -4.38 -17.29
CA PRO B 114 -0.98 -3.11 -16.80
C PRO B 114 -2.39 -2.90 -17.32
N SER B 115 -3.20 -2.26 -16.49
CA SER B 115 -4.43 -1.64 -16.98
C SER B 115 -4.09 -0.25 -17.51
N VAL B 116 -4.47 0.02 -18.75
CA VAL B 116 -4.03 1.22 -19.46
C VAL B 116 -5.20 2.19 -19.56
N PHE B 117 -4.96 3.45 -19.23
CA PHE B 117 -5.96 4.51 -19.31
C PHE B 117 -5.33 5.73 -19.99
N ILE B 118 -6.13 6.44 -20.77
CA ILE B 118 -5.68 7.67 -21.44
C ILE B 118 -6.64 8.78 -21.09
N PHE B 119 -6.10 9.95 -20.76
CA PHE B 119 -6.90 11.10 -20.33
C PHE B 119 -6.69 12.25 -21.30
N PRO B 120 -7.75 12.81 -21.87
CA PRO B 120 -7.62 13.98 -22.73
C PRO B 120 -7.28 15.21 -21.91
N PRO B 121 -6.82 16.29 -22.56
CA PRO B 121 -6.63 17.55 -21.83
C PRO B 121 -7.97 18.10 -21.36
N SER B 122 -7.96 18.69 -20.17
CA SER B 122 -9.16 19.36 -19.68
C SER B 122 -9.36 20.68 -20.40
N ASP B 123 -10.62 21.13 -20.46
CA ASP B 123 -10.90 22.42 -21.07
C ASP B 123 -10.25 23.56 -20.30
N GLU B 124 -10.16 23.43 -18.97
CA GLU B 124 -9.51 24.45 -18.17
C GLU B 124 -8.04 24.63 -18.54
N GLN B 125 -7.40 23.57 -19.05
CA GLN B 125 -6.00 23.70 -19.47
C GLN B 125 -5.90 24.29 -20.87
N LEU B 126 -6.84 23.94 -21.75
CA LEU B 126 -6.80 24.44 -23.13
C LEU B 126 -6.93 25.96 -23.17
N LYS B 127 -7.69 26.54 -22.23
CA LYS B 127 -7.76 28.01 -22.17
C LYS B 127 -6.52 28.64 -21.57
N SER B 128 -5.47 27.85 -21.33
CA SER B 128 -4.22 28.36 -20.80
C SER B 128 -3.07 28.30 -21.79
N GLY B 129 -3.27 27.69 -22.96
CA GLY B 129 -2.29 27.69 -24.03
C GLY B 129 -1.58 26.37 -24.24
N THR B 130 -1.67 25.45 -23.28
CA THR B 130 -0.98 24.17 -23.36
C THR B 130 -1.99 23.03 -23.29
N ALA B 131 -1.56 21.85 -23.74
CA ALA B 131 -2.39 20.65 -23.71
C ALA B 131 -1.56 19.49 -23.21
N SER B 132 -2.01 18.84 -22.15
CA SER B 132 -1.36 17.65 -21.60
C SER B 132 -2.26 16.44 -21.82
N VAL B 133 -1.70 15.39 -22.41
CA VAL B 133 -2.36 14.11 -22.55
C VAL B 133 -1.62 13.12 -21.65
N VAL B 134 -2.37 12.37 -20.85
CA VAL B 134 -1.80 11.50 -19.83
C VAL B 134 -2.17 10.06 -20.13
N CYS B 135 -1.19 9.16 -20.04
CA CYS B 135 -1.39 7.73 -20.21
C CYS B 135 -0.94 7.03 -18.94
N LEU B 136 -1.82 6.22 -18.37
CA LEU B 136 -1.60 5.56 -17.09
C LEU B 136 -1.47 4.06 -17.30
N LEU B 137 -0.40 3.48 -16.77
CA LEU B 137 -0.19 2.04 -16.72
C LEU B 137 -0.24 1.65 -15.25
N ASN B 138 -1.25 0.88 -14.87
CA ASN B 138 -1.59 0.68 -13.46
C ASN B 138 -1.31 -0.77 -13.05
N ASN B 139 -0.49 -0.93 -12.01
CA ASN B 139 -0.35 -2.19 -11.27
C ASN B 139 0.20 -3.31 -12.15
N PHE B 140 1.35 -3.06 -12.77
CA PHE B 140 1.95 -4.05 -13.65
C PHE B 140 3.23 -4.61 -13.04
N TYR B 141 3.69 -5.72 -13.63
CA TYR B 141 4.92 -6.39 -13.23
C TYR B 141 5.29 -7.36 -14.35
N PRO B 142 6.57 -7.43 -14.76
CA PRO B 142 7.76 -6.76 -14.23
C PRO B 142 7.81 -5.26 -14.54
N ARG B 143 8.87 -4.62 -14.05
CA ARG B 143 9.00 -3.17 -14.17
C ARG B 143 9.12 -2.71 -15.62
N GLU B 144 9.72 -3.53 -16.48
CA GLU B 144 9.98 -3.12 -17.86
C GLU B 144 8.69 -2.89 -18.64
N ALA B 145 8.56 -1.70 -19.22
CA ALA B 145 7.40 -1.35 -20.01
C ALA B 145 7.76 -0.25 -21.00
N LYS B 146 7.12 -0.26 -22.16
CA LYS B 146 7.35 0.73 -23.20
C LYS B 146 6.04 1.44 -23.52
N VAL B 147 6.11 2.76 -23.70
CA VAL B 147 4.98 3.60 -24.04
C VAL B 147 5.35 4.41 -25.27
N GLN B 148 4.51 4.36 -26.30
CA GLN B 148 4.69 5.14 -27.51
C GLN B 148 3.45 6.00 -27.74
N TRP B 149 3.67 7.28 -27.99
CA TRP B 149 2.58 8.21 -28.28
C TRP B 149 2.43 8.37 -29.79
N LYS B 150 1.19 8.49 -30.24
CA LYS B 150 0.89 8.65 -31.66
C LYS B 150 -0.23 9.66 -31.82
N VAL B 151 0.02 10.67 -32.65
CA VAL B 151 -0.94 11.72 -32.94
C VAL B 151 -1.29 11.62 -34.42
N ASP B 152 -2.55 11.28 -34.72
CA ASP B 152 -3.00 10.96 -36.07
C ASP B 152 -2.04 9.99 -36.76
N ASN B 153 -1.67 8.94 -36.01
CA ASN B 153 -0.80 7.86 -36.45
C ASN B 153 0.64 8.33 -36.70
N ALA B 154 1.03 9.48 -36.18
CA ALA B 154 2.40 9.96 -36.28
C ALA B 154 3.10 9.74 -34.94
N LEU B 155 4.21 9.01 -34.95
CA LEU B 155 4.93 8.71 -33.72
C LEU B 155 5.54 9.98 -33.13
N GLN B 156 5.39 10.14 -31.82
CA GLN B 156 5.90 11.31 -31.11
C GLN B 156 7.21 10.97 -30.43
N SER B 157 8.12 11.94 -30.38
CA SER B 157 9.38 11.77 -29.68
C SER B 157 9.82 13.12 -29.13
N GLY B 158 10.40 13.09 -27.92
CA GLY B 158 10.93 14.28 -27.31
C GLY B 158 9.93 15.15 -26.58
N ASN B 159 8.63 14.85 -26.67
CA ASN B 159 7.61 15.68 -26.04
C ASN B 159 6.81 14.90 -25.00
N SER B 160 7.42 13.90 -24.37
CA SER B 160 6.77 13.16 -23.30
C SER B 160 7.75 12.92 -22.16
N GLN B 161 7.20 12.86 -20.95
CA GLN B 161 7.95 12.50 -19.76
C GLN B 161 7.15 11.43 -19.02
N GLU B 162 7.87 10.51 -18.39
CA GLU B 162 7.20 9.47 -17.60
C GLU B 162 7.81 9.39 -16.22
N SER B 163 6.99 8.99 -15.25
CA SER B 163 7.48 8.70 -13.91
C SER B 163 6.81 7.43 -13.42
N VAL B 164 7.48 6.75 -12.49
CA VAL B 164 7.10 5.42 -12.04
C VAL B 164 7.05 5.43 -10.52
N THR B 165 6.02 4.79 -9.96
CA THR B 165 5.96 4.63 -8.52
C THR B 165 7.00 3.62 -8.05
N GLU B 166 7.34 3.69 -6.77
CA GLU B 166 8.11 2.62 -6.16
C GLU B 166 7.28 1.35 -6.14
N GLN B 167 7.98 0.20 -6.07
CA GLN B 167 7.29 -1.07 -6.00
C GLN B 167 6.37 -1.11 -4.78
N ASP B 168 5.09 -1.36 -5.01
CA ASP B 168 4.12 -1.29 -3.93
C ASP B 168 4.36 -2.38 -2.90
N SER B 169 4.25 -2.02 -1.62
CA SER B 169 4.55 -2.96 -0.55
C SER B 169 3.52 -4.08 -0.44
N LYS B 170 2.31 -3.88 -0.94
CA LYS B 170 1.24 -4.86 -0.79
C LYS B 170 1.22 -5.89 -1.92
N ASP B 171 1.16 -5.44 -3.17
CA ASP B 171 1.06 -6.34 -4.31
C ASP B 171 2.32 -6.41 -5.15
N SER B 172 3.39 -5.69 -4.76
CA SER B 172 4.69 -5.76 -5.43
C SER B 172 4.63 -5.34 -6.90
N THR B 173 3.74 -4.42 -7.22
CA THR B 173 3.55 -3.97 -8.59
C THR B 173 4.04 -2.55 -8.76
N TYR B 174 4.15 -2.14 -10.02
CA TYR B 174 4.52 -0.79 -10.39
C TYR B 174 3.36 -0.11 -11.11
N SER B 175 3.36 1.21 -11.07
CA SER B 175 2.46 2.00 -11.89
C SER B 175 3.26 3.09 -12.59
N LEU B 176 2.82 3.44 -13.81
CA LEU B 176 3.57 4.36 -14.64
C LEU B 176 2.61 5.38 -15.24
N SER B 177 3.06 6.63 -15.28
CA SER B 177 2.34 7.72 -15.92
C SER B 177 3.23 8.32 -17.00
N SER B 178 2.68 8.47 -18.20
CA SER B 178 3.36 9.12 -19.31
C SER B 178 2.55 10.34 -19.72
N THR B 179 3.22 11.48 -19.85
CA THR B 179 2.55 12.76 -20.10
C THR B 179 3.07 13.35 -21.40
N LEU B 180 2.16 13.50 -22.37
CA LEU B 180 2.48 14.12 -23.65
C LEU B 180 2.14 15.61 -23.56
N THR B 181 3.14 16.46 -23.80
CA THR B 181 2.97 17.91 -23.71
C THR B 181 2.86 18.49 -25.12
N LEU B 182 1.74 19.14 -25.40
CA LEU B 182 1.47 19.75 -26.68
C LEU B 182 1.03 21.20 -26.48
N SER B 183 1.27 22.02 -27.50
CA SER B 183 0.68 23.34 -27.53
C SER B 183 -0.80 23.24 -27.90
N LYS B 184 -1.57 24.25 -27.53
CA LYS B 184 -2.98 24.27 -27.91
C LYS B 184 -3.14 24.24 -29.42
N ALA B 185 -2.32 25.01 -30.14
CA ALA B 185 -2.45 25.07 -31.59
C ALA B 185 -2.21 23.71 -32.22
N ASP B 186 -1.15 23.00 -31.80
CA ASP B 186 -0.86 21.70 -32.37
C ASP B 186 -1.88 20.65 -31.93
N TYR B 187 -2.50 20.83 -30.76
CA TYR B 187 -3.50 19.88 -30.30
C TYR B 187 -4.79 20.02 -31.10
N GLU B 188 -5.16 21.25 -31.45
CA GLU B 188 -6.39 21.50 -32.20
C GLU B 188 -6.28 21.13 -33.67
N LYS B 189 -5.08 20.81 -34.16
CA LYS B 189 -4.89 20.47 -35.55
C LYS B 189 -5.02 18.98 -35.83
N HIS B 190 -5.23 18.16 -34.80
CA HIS B 190 -5.24 16.71 -34.97
C HIS B 190 -6.40 16.13 -34.17
N LYS B 191 -6.73 14.87 -34.47
CA LYS B 191 -7.92 14.23 -33.92
C LYS B 191 -7.62 13.02 -33.06
N VAL B 192 -6.88 12.04 -33.59
CA VAL B 192 -6.68 10.76 -32.92
C VAL B 192 -5.42 10.82 -32.07
N TYR B 193 -5.57 10.60 -30.77
CA TYR B 193 -4.46 10.58 -29.82
C TYR B 193 -4.40 9.21 -29.17
N ALA B 194 -3.36 8.45 -29.46
CA ALA B 194 -3.26 7.05 -29.07
C ALA B 194 -2.01 6.82 -28.23
N CYS B 195 -2.17 6.01 -27.19
CA CYS B 195 -1.08 5.57 -26.33
C CYS B 195 -0.91 4.06 -26.52
N GLU B 196 0.26 3.64 -26.99
CA GLU B 196 0.51 2.24 -27.31
C GLU B 196 1.50 1.67 -26.30
N VAL B 197 1.08 0.61 -25.60
CA VAL B 197 1.80 0.08 -24.45
C VAL B 197 2.27 -1.33 -24.76
N THR B 198 3.55 -1.60 -24.47
CA THR B 198 4.17 -2.89 -24.68
C THR B 198 4.65 -3.42 -23.33
N HIS B 199 4.20 -4.62 -22.97
CA HIS B 199 4.56 -5.20 -21.69
C HIS B 199 4.53 -6.72 -21.79
N GLN B 200 5.34 -7.37 -20.95
CA GLN B 200 5.46 -8.82 -20.98
C GLN B 200 4.12 -9.51 -20.77
N GLY B 201 3.30 -8.98 -19.86
CA GLY B 201 2.01 -9.58 -19.56
C GLY B 201 0.95 -9.42 -20.63
N LEU B 202 1.27 -8.76 -21.74
CA LEU B 202 0.35 -8.56 -22.84
C LEU B 202 0.81 -9.39 -24.03
N SER B 203 -0.13 -10.15 -24.62
CA SER B 203 0.20 -10.97 -25.78
C SER B 203 0.61 -10.10 -26.96
N SER B 204 0.12 -8.87 -27.02
CA SER B 204 0.43 -7.93 -28.09
C SER B 204 0.24 -6.52 -27.55
N PRO B 205 0.91 -5.53 -28.12
CA PRO B 205 0.79 -4.16 -27.60
C PRO B 205 -0.65 -3.68 -27.60
N VAL B 206 -1.03 -2.98 -26.53
CA VAL B 206 -2.38 -2.46 -26.34
C VAL B 206 -2.36 -0.98 -26.66
N THR B 207 -3.40 -0.51 -27.35
CA THR B 207 -3.54 0.89 -27.73
C THR B 207 -4.84 1.45 -27.17
N LYS B 208 -4.73 2.41 -26.26
CA LYS B 208 -5.87 3.22 -25.85
C LYS B 208 -5.80 4.55 -26.60
N SER B 209 -6.97 5.06 -26.98
CA SER B 209 -7.01 6.24 -27.81
C SER B 209 -8.33 6.97 -27.61
N PHE B 210 -8.31 8.27 -27.90
CA PHE B 210 -9.51 9.08 -27.92
C PHE B 210 -9.44 10.03 -29.12
N ASN B 211 -10.61 10.53 -29.52
CA ASN B 211 -10.72 11.51 -30.59
C ASN B 211 -11.04 12.86 -29.98
N ARG B 212 -10.28 13.89 -30.36
CA ARG B 212 -10.52 15.22 -29.86
C ARG B 212 -11.94 15.67 -30.20
N GLY B 213 -12.69 16.04 -29.18
CA GLY B 213 -14.10 16.38 -29.36
C GLY B 213 -15.05 15.21 -29.21
N GLU B 214 -14.64 14.14 -28.52
CA GLU B 214 -15.46 12.95 -28.28
C GLU B 214 -15.87 12.24 -29.58
N CYS B 215 -15.19 12.52 -30.68
CA CYS B 215 -15.52 11.87 -31.95
C CYS B 215 -15.11 10.40 -31.93
N GLN C 1 -26.19 -4.39 39.29
CA GLN C 1 -25.46 -3.21 38.85
C GLN C 1 -26.22 -2.47 37.75
N VAL C 2 -25.66 -1.34 37.31
CA VAL C 2 -26.33 -0.53 36.29
C VAL C 2 -26.27 -1.25 34.94
N GLN C 3 -27.30 -1.01 34.12
CA GLN C 3 -27.40 -1.60 32.80
C GLN C 3 -27.80 -0.51 31.80
N LEU C 4 -27.07 -0.43 30.70
CA LEU C 4 -27.37 0.55 29.66
C LEU C 4 -28.35 -0.08 28.66
N VAL C 5 -29.44 0.62 28.39
CA VAL C 5 -30.46 0.14 27.46
C VAL C 5 -30.47 1.05 26.25
N GLN C 6 -30.34 0.47 25.07
CA GLN C 6 -30.33 1.21 23.82
C GLN C 6 -31.58 0.89 23.01
N SER C 7 -31.88 1.77 22.06
CA SER C 7 -33.01 1.55 21.17
C SER C 7 -32.73 0.35 20.26
N GLY C 8 -33.79 -0.13 19.61
CA GLY C 8 -33.71 -1.35 18.84
C GLY C 8 -33.01 -1.17 17.50
N ALA C 9 -32.74 -2.31 16.86
CA ALA C 9 -32.02 -2.32 15.59
C ALA C 9 -32.82 -1.58 14.52
N GLU C 10 -32.11 -1.00 13.56
CA GLU C 10 -32.75 -0.13 12.58
C GLU C 10 -32.17 -0.39 11.19
N VAL C 11 -33.02 -0.19 10.19
CA VAL C 11 -32.64 -0.21 8.77
C VAL C 11 -32.96 1.15 8.20
N LYS C 12 -32.00 1.76 7.53
CA LYS C 12 -32.13 3.13 7.06
C LYS C 12 -31.71 3.24 5.59
N LYS C 13 -32.52 3.96 4.82
CA LYS C 13 -32.16 4.24 3.44
C LYS C 13 -30.91 5.10 3.40
N PRO C 14 -30.05 4.92 2.39
CA PRO C 14 -28.91 5.82 2.23
C PRO C 14 -29.37 7.26 2.04
N GLY C 15 -28.72 8.17 2.74
CA GLY C 15 -29.09 9.57 2.72
C GLY C 15 -29.99 10.02 3.86
N SER C 16 -30.60 9.08 4.57
CA SER C 16 -31.47 9.42 5.68
C SER C 16 -30.64 9.60 6.96
N SER C 17 -31.32 9.72 8.09
CA SER C 17 -30.64 9.88 9.37
C SER C 17 -31.19 8.86 10.37
N VAL C 18 -30.37 8.54 11.36
CA VAL C 18 -30.72 7.58 12.39
C VAL C 18 -30.57 8.25 13.76
N THR C 19 -31.49 7.95 14.65
CA THR C 19 -31.47 8.45 16.02
C THR C 19 -31.44 7.26 16.97
N ILE C 20 -30.46 7.23 17.86
CA ILE C 20 -30.28 6.14 18.80
C ILE C 20 -30.31 6.74 20.20
N SER C 21 -30.84 5.96 21.15
CA SER C 21 -30.97 6.40 22.53
C SER C 21 -30.23 5.45 23.45
N CYS C 22 -29.86 5.96 24.61
CA CYS C 22 -29.20 5.17 25.65
C CYS C 22 -29.73 5.62 27.00
N LYS C 23 -30.09 4.66 27.84
CA LYS C 23 -30.67 4.92 29.16
C LYS C 23 -29.98 4.06 30.21
N PRO C 24 -29.74 4.60 31.41
CA PRO C 24 -29.19 3.78 32.49
C PRO C 24 -30.27 3.19 33.38
N VAL C 25 -30.50 1.89 33.27
CA VAL C 25 -31.45 1.19 34.13
C VAL C 25 -30.69 0.62 35.32
N GLY C 26 -31.07 1.04 36.52
CA GLY C 26 -30.34 0.67 37.71
C GLY C 26 -29.24 1.62 38.10
N GLY C 27 -29.26 2.85 37.58
CA GLY C 27 -28.21 3.80 37.89
C GLY C 27 -28.50 5.13 37.22
N THR C 28 -27.45 5.93 37.06
CA THR C 28 -27.60 7.27 36.54
C THR C 28 -26.46 7.60 35.58
N PHE C 29 -26.60 8.72 34.88
CA PHE C 29 -25.55 9.30 34.05
C PHE C 29 -24.85 10.46 34.73
N THR C 30 -25.31 10.86 35.91
CA THR C 30 -24.74 12.02 36.59
C THR C 30 -23.28 11.79 36.93
N ASN C 31 -22.44 12.76 36.57
CA ASN C 31 -20.99 12.72 36.83
C ASN C 31 -20.31 11.59 36.07
N PHE C 32 -20.90 11.17 34.95
CA PHE C 32 -20.29 10.20 34.06
C PHE C 32 -20.25 10.75 32.64
N ALA C 33 -19.24 10.33 31.90
CA ALA C 33 -19.19 10.60 30.47
C ALA C 33 -19.95 9.50 29.74
N ILE C 34 -20.63 9.87 28.66
CA ILE C 34 -21.41 8.93 27.87
C ILE C 34 -20.90 9.00 26.44
N HIS C 35 -20.16 7.98 26.01
CA HIS C 35 -19.50 7.99 24.71
C HIS C 35 -20.12 6.95 23.78
N TRP C 36 -20.15 7.29 22.50
CA TRP C 36 -20.66 6.41 21.46
C TRP C 36 -19.50 5.87 20.65
N VAL C 37 -19.43 4.53 20.55
CA VAL C 37 -18.38 3.84 19.82
C VAL C 37 -19.07 2.85 18.88
N ARG C 38 -18.67 2.86 17.60
CA ARG C 38 -19.27 1.97 16.63
C ARG C 38 -18.23 1.01 16.08
N GLN C 39 -18.72 -0.07 15.47
CA GLN C 39 -17.86 -1.05 14.83
C GLN C 39 -18.52 -1.48 13.53
N ALA C 40 -17.94 -1.08 12.41
CA ALA C 40 -18.37 -1.48 11.09
C ALA C 40 -17.83 -2.87 10.76
N PRO C 41 -18.55 -3.64 9.95
CA PRO C 41 -18.05 -4.96 9.56
C PRO C 41 -16.71 -4.85 8.85
N GLY C 42 -15.73 -5.61 9.32
CA GLY C 42 -14.40 -5.56 8.75
C GLY C 42 -13.54 -4.40 9.23
N GLN C 43 -13.96 -3.69 10.27
CA GLN C 43 -13.21 -2.57 10.83
C GLN C 43 -13.04 -2.78 12.33
N GLY C 44 -12.23 -1.91 12.94
CA GLY C 44 -12.08 -1.90 14.37
C GLY C 44 -13.05 -0.94 15.05
N LEU C 45 -12.88 -0.79 16.35
CA LEU C 45 -13.70 0.15 17.10
C LEU C 45 -13.39 1.58 16.67
N GLU C 46 -14.45 2.38 16.55
CA GLU C 46 -14.32 3.76 16.09
C GLU C 46 -15.15 4.67 16.98
N TRP C 47 -14.49 5.63 17.64
CA TRP C 47 -15.18 6.60 18.47
C TRP C 47 -15.94 7.58 17.59
N VAL C 48 -17.21 7.80 17.91
CA VAL C 48 -18.05 8.73 17.17
C VAL C 48 -18.14 10.07 17.89
N GLY C 49 -18.44 10.04 19.19
CA GLY C 49 -18.62 11.24 19.96
C GLY C 49 -19.24 10.89 21.29
N GLY C 50 -19.22 11.88 22.18
CA GLY C 50 -19.75 11.61 23.51
C GLY C 50 -20.10 12.88 24.26
N ARG C 51 -20.69 12.68 25.44
CA ARG C 51 -20.92 13.73 26.42
C ARG C 51 -19.88 13.59 27.52
N VAL C 52 -19.32 14.72 27.95
CA VAL C 52 -18.37 14.73 29.07
C VAL C 52 -19.18 14.57 30.35
N PRO C 53 -18.55 14.49 31.54
CA PRO C 53 -19.35 14.33 32.77
C PRO C 53 -20.14 15.57 33.17
N VAL C 54 -20.57 16.38 32.22
CA VAL C 54 -21.37 17.57 32.48
C VAL C 54 -22.53 17.60 31.49
N VAL C 55 -23.74 17.91 31.99
CA VAL C 55 -24.90 18.00 31.11
C VAL C 55 -24.71 19.14 30.12
N GLY C 56 -24.90 18.85 28.84
CA GLY C 56 -24.86 19.85 27.80
C GLY C 56 -23.49 20.12 27.19
N ILE C 57 -22.46 19.38 27.55
CA ILE C 57 -21.11 19.58 27.02
C ILE C 57 -20.68 18.30 26.30
N TYR C 58 -20.41 18.42 25.01
CA TYR C 58 -20.16 17.26 24.15
C TYR C 58 -18.85 17.39 23.40
N LYS C 59 -18.29 16.24 23.04
CA LYS C 59 -17.16 16.14 22.13
C LYS C 59 -17.60 15.40 20.88
N TYR C 60 -17.40 16.01 19.71
CA TYR C 60 -17.75 15.40 18.44
C TYR C 60 -16.49 14.90 17.75
N GLY C 61 -16.53 13.69 17.21
CA GLY C 61 -15.43 13.20 16.40
C GLY C 61 -15.29 14.02 15.13
N LYS C 62 -14.04 14.35 14.79
CA LYS C 62 -13.77 15.18 13.62
C LYS C 62 -14.38 14.59 12.36
N LYS C 63 -14.37 13.25 12.26
CA LYS C 63 -14.90 12.58 11.07
C LYS C 63 -16.39 12.79 10.89
N PHE C 64 -17.12 13.19 11.95
CA PHE C 64 -18.57 13.29 11.91
C PHE C 64 -19.09 14.68 12.27
N HIS C 65 -18.22 15.70 12.31
CA HIS C 65 -18.62 16.99 12.87
C HIS C 65 -19.80 17.60 12.15
N ASP C 66 -19.96 17.32 10.85
CA ASP C 66 -21.03 17.92 10.06
C ASP C 66 -22.31 17.09 10.03
N ARG C 67 -22.23 15.80 10.33
CA ARG C 67 -23.39 14.91 10.27
C ARG C 67 -23.88 14.48 11.65
N LEU C 68 -23.19 14.85 12.71
CA LEU C 68 -23.49 14.35 14.05
C LEU C 68 -24.22 15.39 14.87
N ARG C 69 -25.17 14.92 15.67
CA ARG C 69 -25.81 15.74 16.69
C ARG C 69 -26.01 14.89 17.93
N LEU C 70 -25.39 15.29 19.04
CA LEU C 70 -25.62 14.67 20.33
C LEU C 70 -26.48 15.59 21.18
N TYR C 71 -27.57 15.05 21.71
CA TYR C 71 -28.44 15.81 22.59
C TYR C 71 -28.94 14.89 23.69
N GLU C 72 -29.80 15.43 24.55
CA GLU C 72 -29.98 14.84 25.86
C GLU C 72 -31.39 15.09 26.36
N ASP C 73 -31.81 14.27 27.35
CA ASP C 73 -33.05 14.46 28.10
C ASP C 73 -32.73 14.11 29.55
N ASP C 74 -32.12 15.06 30.25
CA ASP C 74 -31.64 14.81 31.61
C ASP C 74 -32.73 14.34 32.58
N PRO C 75 -33.96 14.87 32.58
CA PRO C 75 -34.96 14.33 33.50
C PRO C 75 -35.27 12.85 33.28
N MET C 76 -35.29 12.40 32.03
CA MET C 76 -35.55 11.00 31.72
C MET C 76 -34.28 10.15 31.68
N LYS C 77 -33.13 10.73 32.01
CA LYS C 77 -31.85 10.02 31.97
C LYS C 77 -31.63 9.34 30.61
N THR C 78 -31.54 10.17 29.57
CA THR C 78 -31.40 9.64 28.22
C THR C 78 -30.47 10.54 27.41
N VAL C 79 -29.54 9.91 26.70
CA VAL C 79 -28.66 10.60 25.75
C VAL C 79 -28.97 10.08 24.36
N PHE C 80 -28.96 10.97 23.38
CA PHE C 80 -29.33 10.64 22.02
C PHE C 80 -28.15 10.87 21.09
N LEU C 81 -28.03 10.00 20.09
CA LEU C 81 -27.10 10.17 18.98
C LEU C 81 -27.90 10.28 17.70
N GLU C 82 -27.67 11.35 16.94
CA GLU C 82 -28.29 11.53 15.64
C GLU C 82 -27.20 11.62 14.59
N LEU C 83 -27.26 10.76 13.58
CA LEU C 83 -26.28 10.74 12.51
C LEU C 83 -27.03 10.87 11.19
N ARG C 84 -26.71 11.91 10.44
CA ARG C 84 -27.42 12.27 9.22
C ARG C 84 -26.58 11.90 7.99
N SER C 85 -27.23 11.94 6.83
CA SER C 85 -26.61 11.64 5.54
C SER C 85 -25.88 10.29 5.59
N LEU C 86 -26.66 9.26 5.90
CA LEU C 86 -26.09 7.93 6.08
C LEU C 86 -25.62 7.35 4.76
N THR C 87 -24.45 6.71 4.77
CA THR C 87 -23.93 5.97 3.64
C THR C 87 -23.65 4.54 4.07
N SER C 88 -23.10 3.74 3.14
CA SER C 88 -22.80 2.34 3.44
C SER C 88 -21.72 2.22 4.52
N ASP C 89 -20.83 3.20 4.63
CA ASP C 89 -19.79 3.16 5.65
C ASP C 89 -20.33 3.34 7.06
N ASP C 90 -21.60 3.69 7.21
CA ASP C 90 -22.19 3.87 8.53
C ASP C 90 -22.89 2.63 9.04
N THR C 91 -23.00 1.57 8.22
CA THR C 91 -23.52 0.30 8.71
C THR C 91 -22.60 -0.27 9.78
N GLY C 92 -23.18 -0.70 10.88
CA GLY C 92 -22.39 -1.31 11.94
C GLY C 92 -23.19 -1.34 13.23
N VAL C 93 -22.51 -1.74 14.30
CA VAL C 93 -23.09 -1.81 15.63
C VAL C 93 -22.63 -0.59 16.41
N TYR C 94 -23.60 0.16 16.94
CA TYR C 94 -23.32 1.40 17.66
C TYR C 94 -23.47 1.15 19.15
N TYR C 95 -22.37 1.30 19.88
CA TYR C 95 -22.34 1.03 21.32
C TYR C 95 -22.42 2.34 22.09
N CYS C 96 -23.31 2.38 23.08
CA CYS C 96 -23.28 3.40 24.11
C CYS C 96 -22.40 2.91 25.26
N THR C 97 -21.58 3.79 25.81
CA THR C 97 -20.73 3.41 26.93
C THR C 97 -20.71 4.52 27.96
N ARG C 98 -20.60 4.11 29.23
CA ARG C 98 -20.58 5.03 30.36
C ARG C 98 -19.19 4.96 30.98
N TRP C 99 -18.46 6.07 30.91
CA TRP C 99 -17.03 6.09 31.19
C TRP C 99 -16.74 7.05 32.35
N ARG C 100 -15.69 6.72 33.10
CA ARG C 100 -15.27 7.53 34.25
C ARG C 100 -13.76 7.32 34.41
N GLY C 101 -12.98 8.29 33.93
CA GLY C 101 -11.53 8.18 33.97
C GLY C 101 -10.90 8.65 35.26
N ASP C 115 -10.27 1.76 39.71
CA ASP C 115 -10.85 3.08 39.95
C ASP C 115 -11.65 3.55 38.74
N ALA C 116 -11.19 3.18 37.55
CA ALA C 116 -11.85 3.57 36.31
C ALA C 116 -13.11 2.74 36.09
N SER C 117 -14.27 3.40 36.12
CA SER C 117 -15.53 2.73 35.86
C SER C 117 -15.83 2.75 34.36
N ASP C 118 -16.25 1.60 33.83
CA ASP C 118 -16.49 1.47 32.40
C ASP C 118 -17.58 0.44 32.17
N VAL C 119 -18.72 0.90 31.63
CA VAL C 119 -19.87 0.04 31.35
C VAL C 119 -20.26 0.24 29.89
N TRP C 120 -20.60 -0.85 29.21
CA TRP C 120 -20.95 -0.84 27.80
C TRP C 120 -22.36 -1.37 27.61
N GLY C 121 -23.14 -0.69 26.78
CA GLY C 121 -24.43 -1.16 26.39
C GLY C 121 -24.32 -2.32 25.41
N PRO C 122 -25.45 -2.99 25.14
CA PRO C 122 -25.41 -4.14 24.24
C PRO C 122 -25.17 -3.76 22.78
N GLY C 123 -25.38 -2.50 22.43
CA GLY C 123 -25.17 -2.06 21.07
C GLY C 123 -26.45 -2.04 20.26
N THR C 124 -26.50 -1.16 19.28
CA THR C 124 -27.63 -1.03 18.38
C THR C 124 -27.14 -1.26 16.96
N LYS C 125 -27.69 -2.26 16.30
CA LYS C 125 -27.30 -2.58 14.94
C LYS C 125 -27.96 -1.60 13.97
N VAL C 126 -27.17 -0.98 13.11
CA VAL C 126 -27.68 -0.05 12.11
C VAL C 126 -27.29 -0.58 10.74
N ILE C 127 -28.28 -0.78 9.87
CA ILE C 127 -28.05 -1.27 8.52
C ILE C 127 -28.48 -0.16 7.57
N VAL C 128 -27.55 0.32 6.76
CA VAL C 128 -27.84 1.34 5.76
C VAL C 128 -28.05 0.62 4.43
N SER C 129 -29.32 0.53 4.02
CA SER C 129 -29.70 -0.17 2.81
C SER C 129 -31.07 0.31 2.38
N ALA C 130 -31.25 0.49 1.07
CA ALA C 130 -32.55 0.85 0.51
C ALA C 130 -33.40 -0.37 0.18
N ALA C 131 -32.95 -1.56 0.54
CA ALA C 131 -33.62 -2.78 0.14
C ALA C 131 -34.80 -3.09 1.04
N SER C 132 -35.80 -3.76 0.47
CA SER C 132 -36.89 -4.35 1.22
C SER C 132 -36.65 -5.85 1.36
N THR C 133 -37.53 -6.50 2.12
CA THR C 133 -37.41 -7.95 2.30
C THR C 133 -37.40 -8.65 0.95
N LYS C 134 -36.42 -9.53 0.75
CA LYS C 134 -36.22 -10.17 -0.53
C LYS C 134 -35.60 -11.54 -0.33
N GLY C 135 -36.15 -12.55 -1.00
CA GLY C 135 -35.65 -13.90 -0.89
C GLY C 135 -34.39 -14.09 -1.71
N PRO C 136 -33.58 -15.08 -1.32
CA PRO C 136 -32.31 -15.31 -2.03
C PRO C 136 -32.51 -16.07 -3.33
N SER C 137 -31.63 -15.75 -4.28
CA SER C 137 -31.44 -16.58 -5.46
C SER C 137 -30.19 -17.42 -5.24
N VAL C 138 -30.29 -18.71 -5.54
CA VAL C 138 -29.25 -19.69 -5.20
C VAL C 138 -28.66 -20.25 -6.48
N PHE C 139 -27.34 -20.19 -6.60
CA PHE C 139 -26.63 -20.60 -7.79
C PHE C 139 -25.61 -21.66 -7.44
N PRO C 140 -25.37 -22.62 -8.32
CA PRO C 140 -24.43 -23.71 -8.00
C PRO C 140 -22.98 -23.27 -8.15
N LEU C 141 -22.16 -23.76 -7.23
CA LEU C 141 -20.69 -23.71 -7.34
C LEU C 141 -20.28 -25.11 -7.74
N ALA C 142 -20.24 -25.37 -9.04
CA ALA C 142 -20.09 -26.73 -9.55
C ALA C 142 -18.65 -27.19 -9.43
N PRO C 143 -18.43 -28.44 -9.00
CA PRO C 143 -17.06 -28.96 -8.95
C PRO C 143 -16.50 -29.14 -10.35
N SER C 144 -15.21 -28.82 -10.49
CA SER C 144 -14.58 -28.90 -11.80
C SER C 144 -14.19 -30.33 -12.14
N SER C 145 -13.33 -30.51 -13.14
CA SER C 145 -12.88 -31.83 -13.57
C SER C 145 -12.19 -32.58 -12.44
N GLY C 150 -8.54 -39.64 -7.61
CA GLY C 150 -8.11 -39.95 -6.27
C GLY C 150 -7.68 -38.74 -5.47
N GLY C 151 -8.60 -37.78 -5.31
CA GLY C 151 -8.32 -36.58 -4.57
C GLY C 151 -9.57 -35.96 -3.97
N THR C 152 -9.48 -34.70 -3.57
CA THR C 152 -10.59 -34.00 -2.93
C THR C 152 -11.13 -32.92 -3.86
N ALA C 153 -12.44 -32.94 -4.08
CA ALA C 153 -13.13 -31.90 -4.84
C ALA C 153 -13.89 -30.99 -3.88
N ALA C 154 -14.30 -29.83 -4.41
CA ALA C 154 -15.09 -28.88 -3.65
C ALA C 154 -16.28 -28.42 -4.48
N LEU C 155 -17.41 -28.23 -3.81
CA LEU C 155 -18.61 -27.73 -4.46
C LEU C 155 -19.39 -26.92 -3.44
N GLY C 156 -20.38 -26.19 -3.92
CA GLY C 156 -21.13 -25.36 -3.00
C GLY C 156 -22.31 -24.66 -3.65
N CYS C 157 -22.90 -23.75 -2.88
CA CYS C 157 -24.03 -22.94 -3.31
C CYS C 157 -23.73 -21.49 -3.00
N LEU C 158 -23.96 -20.61 -3.98
CA LEU C 158 -23.87 -19.18 -3.79
C LEU C 158 -25.28 -18.64 -3.52
N VAL C 159 -25.46 -18.06 -2.34
CA VAL C 159 -26.74 -17.56 -1.87
C VAL C 159 -26.70 -16.05 -1.98
N LYS C 160 -27.28 -15.50 -3.04
CA LYS C 160 -27.04 -14.11 -3.43
C LYS C 160 -28.32 -13.28 -3.32
N ASP C 161 -28.15 -12.02 -2.91
CA ASP C 161 -29.15 -10.96 -3.04
C ASP C 161 -30.41 -11.19 -2.22
N TYR C 162 -30.27 -11.36 -0.90
CA TYR C 162 -31.39 -11.45 0.00
C TYR C 162 -31.34 -10.34 1.04
N PHE C 163 -32.48 -10.15 1.72
CA PHE C 163 -32.58 -9.15 2.78
C PHE C 163 -33.84 -9.41 3.59
N PRO C 164 -33.77 -9.32 4.93
CA PRO C 164 -32.53 -9.09 5.67
C PRO C 164 -31.84 -10.40 6.04
N GLU C 165 -30.92 -10.31 7.00
CA GLU C 165 -30.35 -11.50 7.59
C GLU C 165 -31.37 -12.17 8.50
N PRO C 166 -31.24 -13.49 8.75
CA PRO C 166 -30.22 -14.41 8.22
C PRO C 166 -30.76 -15.41 7.21
N VAL C 167 -29.86 -16.15 6.59
CA VAL C 167 -30.21 -17.42 5.97
C VAL C 167 -29.50 -18.52 6.73
N THR C 168 -30.02 -19.73 6.58
CA THR C 168 -29.36 -20.92 7.07
C THR C 168 -29.23 -21.91 5.93
N VAL C 169 -28.13 -22.65 5.91
CA VAL C 169 -27.83 -23.58 4.84
C VAL C 169 -27.56 -24.95 5.45
N SER C 170 -28.19 -25.98 4.90
CA SER C 170 -27.84 -27.36 5.18
C SER C 170 -27.50 -28.05 3.87
N TRP C 171 -26.96 -29.25 3.98
CA TRP C 171 -26.66 -30.06 2.81
C TRP C 171 -27.31 -31.43 2.97
N ASN C 172 -27.97 -31.89 1.91
CA ASN C 172 -28.68 -33.16 1.90
C ASN C 172 -29.58 -33.30 3.12
N SER C 173 -30.30 -32.23 3.42
CA SER C 173 -31.27 -32.18 4.53
C SER C 173 -30.61 -32.54 5.86
N GLY C 174 -29.35 -32.14 6.03
CA GLY C 174 -28.62 -32.40 7.25
C GLY C 174 -27.88 -33.71 7.31
N ALA C 175 -27.94 -34.52 6.26
CA ALA C 175 -27.18 -35.77 6.23
C ALA C 175 -25.69 -35.55 5.96
N LEU C 176 -25.33 -34.45 5.31
CA LEU C 176 -23.95 -34.13 4.98
C LEU C 176 -23.53 -32.94 5.84
N THR C 177 -22.65 -33.20 6.82
CA THR C 177 -22.14 -32.15 7.68
C THR C 177 -20.61 -32.08 7.74
N SER C 178 -19.90 -33.15 7.42
CA SER C 178 -18.44 -33.11 7.44
C SER C 178 -17.93 -32.32 6.24
N GLY C 179 -16.95 -31.46 6.50
CA GLY C 179 -16.34 -30.66 5.46
C GLY C 179 -17.18 -29.49 4.99
N VAL C 180 -18.28 -29.19 5.65
CA VAL C 180 -19.12 -28.08 5.25
C VAL C 180 -18.57 -26.79 5.86
N HIS C 181 -18.53 -25.73 5.05
CA HIS C 181 -18.20 -24.39 5.53
C HIS C 181 -19.22 -23.41 4.96
N THR C 182 -19.97 -22.77 5.85
CA THR C 182 -20.91 -21.73 5.47
C THR C 182 -20.35 -20.40 5.94
N PHE C 183 -20.04 -19.52 4.99
CA PHE C 183 -19.33 -18.29 5.30
C PHE C 183 -20.29 -17.23 5.83
N PRO C 184 -19.78 -16.30 6.63
CA PRO C 184 -20.61 -15.17 7.07
C PRO C 184 -21.07 -14.34 5.88
N ALA C 185 -22.29 -13.83 5.97
CA ALA C 185 -22.84 -12.97 4.92
C ALA C 185 -22.07 -11.67 4.84
N VAL C 186 -22.02 -11.11 3.64
CA VAL C 186 -21.46 -9.78 3.41
C VAL C 186 -22.53 -8.93 2.76
N LEU C 187 -22.69 -7.71 3.27
CA LEU C 187 -23.59 -6.72 2.67
C LEU C 187 -22.86 -6.09 1.49
N GLN C 188 -23.34 -6.33 0.28
CA GLN C 188 -22.71 -5.75 -0.90
C GLN C 188 -23.27 -4.35 -1.13
N SER C 189 -22.70 -3.65 -2.12
CA SER C 189 -23.03 -2.25 -2.34
C SER C 189 -24.48 -2.04 -2.74
N SER C 190 -25.16 -3.09 -3.22
CA SER C 190 -26.57 -2.99 -3.57
C SER C 190 -27.49 -2.93 -2.35
N GLY C 191 -26.97 -3.08 -1.14
CA GLY C 191 -27.81 -3.19 0.03
C GLY C 191 -28.37 -4.57 0.29
N LEU C 192 -27.99 -5.57 -0.50
CA LEU C 192 -28.44 -6.94 -0.32
C LEU C 192 -27.31 -7.81 0.19
N TYR C 193 -27.65 -8.83 0.97
CA TYR C 193 -26.64 -9.72 1.50
C TYR C 193 -26.29 -10.82 0.50
N SER C 194 -25.16 -11.48 0.75
CA SER C 194 -24.72 -12.59 -0.08
C SER C 194 -23.76 -13.45 0.73
N LEU C 195 -23.83 -14.76 0.53
CA LEU C 195 -22.87 -15.68 1.12
C LEU C 195 -22.76 -16.90 0.23
N SER C 196 -21.74 -17.71 0.50
CA SER C 196 -21.63 -19.03 -0.11
C SER C 196 -21.45 -20.06 0.98
N SER C 197 -21.88 -21.28 0.69
CA SER C 197 -21.66 -22.43 1.54
C SER C 197 -20.99 -23.49 0.69
N VAL C 198 -19.89 -24.05 1.19
CA VAL C 198 -19.11 -25.01 0.42
C VAL C 198 -18.94 -26.29 1.22
N VAL C 199 -18.56 -27.34 0.51
CA VAL C 199 -18.27 -28.63 1.12
C VAL C 199 -17.25 -29.34 0.24
N THR C 200 -16.27 -29.98 0.88
CA THR C 200 -15.30 -30.80 0.18
C THR C 200 -15.72 -32.26 0.24
N VAL C 201 -15.64 -32.93 -0.90
CA VAL C 201 -16.06 -34.33 -1.03
C VAL C 201 -15.01 -35.08 -1.84
N PRO C 202 -15.02 -36.41 -1.75
CA PRO C 202 -14.12 -37.18 -2.61
C PRO C 202 -14.43 -36.94 -4.08
N SER C 203 -13.38 -36.78 -4.88
CA SER C 203 -13.58 -36.52 -6.30
C SER C 203 -14.22 -37.69 -7.02
N SER C 204 -14.13 -38.90 -6.47
CA SER C 204 -14.74 -40.07 -7.08
C SER C 204 -16.24 -40.13 -6.89
N SER C 205 -16.79 -39.35 -5.95
CA SER C 205 -18.22 -39.36 -5.66
C SER C 205 -19.02 -38.43 -6.55
N LEU C 206 -18.35 -37.65 -7.41
CA LEU C 206 -19.04 -36.62 -8.17
C LEU C 206 -20.10 -37.21 -9.09
N GLY C 207 -19.76 -38.28 -9.80
CA GLY C 207 -20.77 -38.97 -10.60
C GLY C 207 -21.69 -39.86 -9.80
N THR C 208 -21.27 -40.24 -8.59
CA THR C 208 -22.04 -41.16 -7.74
C THR C 208 -23.07 -40.40 -6.89
N GLN C 209 -22.58 -39.61 -5.94
CA GLN C 209 -23.42 -39.04 -4.90
C GLN C 209 -24.12 -37.78 -5.42
N THR C 210 -25.33 -37.56 -4.92
CA THR C 210 -26.12 -36.37 -5.22
C THR C 210 -25.94 -35.37 -4.08
N TYR C 211 -25.71 -34.11 -4.45
CA TYR C 211 -25.45 -33.04 -3.48
C TYR C 211 -26.46 -31.93 -3.67
N ILE C 212 -27.24 -31.66 -2.64
CA ILE C 212 -28.29 -30.65 -2.65
C ILE C 212 -28.06 -29.74 -1.45
N CYS C 213 -28.07 -28.43 -1.68
CA CYS C 213 -28.02 -27.47 -0.60
C CYS C 213 -29.42 -26.98 -0.31
N ASN C 214 -29.76 -26.91 0.98
CA ASN C 214 -31.09 -26.51 1.44
C ASN C 214 -30.95 -25.16 2.12
N VAL C 215 -31.53 -24.14 1.51
CA VAL C 215 -31.40 -22.76 1.96
C VAL C 215 -32.74 -22.30 2.52
N ASN C 216 -32.73 -21.85 3.77
CA ASN C 216 -33.90 -21.26 4.40
C ASN C 216 -33.66 -19.77 4.62
N HIS C 217 -34.67 -18.95 4.30
CA HIS C 217 -34.66 -17.52 4.56
C HIS C 217 -36.03 -17.18 5.17
N LYS C 218 -36.14 -17.39 6.47
CA LYS C 218 -37.41 -17.17 7.17
C LYS C 218 -38.02 -15.79 6.94
N PRO C 219 -37.26 -14.68 6.94
CA PRO C 219 -37.90 -13.38 6.70
C PRO C 219 -38.79 -13.31 5.46
N SER C 220 -38.48 -14.08 4.42
CA SER C 220 -39.28 -14.09 3.20
C SER C 220 -40.01 -15.41 3.00
N ASN C 221 -40.11 -16.25 4.03
CA ASN C 221 -40.80 -17.53 3.95
C ASN C 221 -40.21 -18.44 2.88
N THR C 222 -38.96 -18.22 2.50
CA THR C 222 -38.36 -18.90 1.36
C THR C 222 -37.61 -20.16 1.79
N LYS C 223 -37.78 -21.23 1.02
CA LYS C 223 -37.01 -22.45 1.15
C LYS C 223 -36.60 -22.88 -0.25
N VAL C 224 -35.30 -23.15 -0.43
CA VAL C 224 -34.76 -23.49 -1.74
C VAL C 224 -33.95 -24.77 -1.63
N ASP C 225 -34.22 -25.71 -2.54
CA ASP C 225 -33.39 -26.90 -2.73
C ASP C 225 -32.71 -26.79 -4.08
N LYS C 226 -31.39 -26.87 -4.10
CA LYS C 226 -30.60 -26.68 -5.31
C LYS C 226 -29.63 -27.84 -5.45
N LYS C 227 -29.81 -28.64 -6.50
CA LYS C 227 -28.87 -29.71 -6.80
C LYS C 227 -27.63 -29.14 -7.47
N VAL C 228 -26.46 -29.51 -6.97
CA VAL C 228 -25.18 -29.02 -7.47
C VAL C 228 -24.49 -30.17 -8.19
N GLU C 229 -24.35 -30.05 -9.50
CA GLU C 229 -23.77 -31.07 -10.35
C GLU C 229 -22.57 -30.49 -11.09
N PRO C 230 -21.64 -31.34 -11.52
CA PRO C 230 -20.59 -30.86 -12.43
C PRO C 230 -21.21 -30.37 -13.74
N LYS C 231 -20.63 -29.33 -14.31
CA LYS C 231 -21.22 -28.70 -15.49
C LYS C 231 -21.02 -29.57 -16.73
N SER C 232 -22.05 -29.62 -17.57
CA SER C 232 -22.01 -30.37 -18.81
C SER C 232 -21.14 -29.68 -19.85
N GLU D 1 -5.96 13.63 15.63
CA GLU D 1 -4.71 13.64 14.89
C GLU D 1 -3.79 12.50 15.34
N ILE D 2 -3.98 12.06 16.58
CA ILE D 2 -3.21 10.93 17.11
C ILE D 2 -3.77 9.64 16.55
N VAL D 3 -2.90 8.82 15.97
CA VAL D 3 -3.28 7.56 15.34
C VAL D 3 -2.58 6.42 16.08
N LEU D 4 -3.34 5.38 16.40
CA LEU D 4 -2.82 4.18 17.06
C LEU D 4 -2.74 3.04 16.06
N THR D 5 -1.57 2.41 15.97
CA THR D 5 -1.38 1.18 15.22
C THR D 5 -1.11 0.03 16.18
N GLN D 6 -1.34 -1.19 15.70
CA GLN D 6 -1.16 -2.37 16.52
C GLN D 6 -0.46 -3.46 15.71
N SER D 7 0.15 -4.40 16.43
CA SER D 7 0.84 -5.53 15.83
C SER D 7 0.99 -6.60 16.91
N PRO D 8 0.96 -7.89 16.53
CA PRO D 8 0.72 -8.34 15.15
C PRO D 8 -0.76 -8.24 14.78
N VAL D 9 -1.11 -8.56 13.54
CA VAL D 9 -2.52 -8.64 13.18
C VAL D 9 -3.19 -9.81 13.90
N THR D 10 -2.51 -10.95 13.96
CA THR D 10 -3.01 -12.13 14.64
C THR D 10 -1.90 -12.72 15.49
N LEU D 11 -2.18 -12.93 16.77
CA LEU D 11 -1.24 -13.54 17.70
C LEU D 11 -1.74 -14.93 18.07
N SER D 12 -0.95 -15.95 17.74
CA SER D 12 -1.33 -17.34 17.97
C SER D 12 -0.68 -17.85 19.23
N LEU D 13 -1.49 -18.45 20.11
CA LEU D 13 -0.99 -18.94 21.39
C LEU D 13 -1.67 -20.26 21.73
N SER D 14 -0.90 -21.19 22.27
CA SER D 14 -1.46 -22.36 22.91
C SER D 14 -1.80 -22.04 24.37
N SER D 15 -2.66 -22.85 24.95
CA SER D 15 -3.00 -22.68 26.35
C SER D 15 -1.75 -22.80 27.21
N GLY D 16 -1.62 -21.90 28.18
CA GLY D 16 -0.45 -21.86 29.03
C GLY D 16 0.73 -21.09 28.48
N GLU D 17 0.70 -20.69 27.21
CA GLU D 17 1.80 -19.92 26.66
C GLU D 17 1.67 -18.44 27.03
N THR D 18 2.76 -17.70 26.82
CA THR D 18 2.83 -16.26 27.08
C THR D 18 2.99 -15.53 25.75
N GLY D 19 2.34 -14.38 25.62
CA GLY D 19 2.41 -13.61 24.39
C GLY D 19 2.24 -12.12 24.66
N THR D 20 2.73 -11.32 23.72
CA THR D 20 2.78 -9.87 23.86
C THR D 20 2.14 -9.19 22.66
N LEU D 21 1.26 -8.22 22.93
CA LEU D 21 0.59 -7.43 21.92
C LEU D 21 1.09 -6.01 21.97
N SER D 22 1.30 -5.39 20.81
CA SER D 22 1.93 -4.08 20.73
C SER D 22 0.98 -3.03 20.17
N CYS D 23 1.10 -1.81 20.70
CA CYS D 23 0.34 -0.65 20.29
C CYS D 23 1.30 0.52 20.15
N ARG D 24 1.20 1.26 19.06
CA ARG D 24 2.14 2.34 18.73
C ARG D 24 1.36 3.61 18.45
N ALA D 25 1.64 4.66 19.23
CA ALA D 25 1.04 5.96 19.00
C ALA D 25 1.89 6.76 18.01
N SER D 26 1.21 7.52 17.15
CA SER D 26 1.89 8.29 16.11
C SER D 26 2.61 9.52 16.65
N GLN D 27 2.24 9.99 17.85
CA GLN D 27 2.86 11.15 18.45
C GLN D 27 3.15 10.86 19.92
N ASN D 28 4.02 11.68 20.51
CA ASN D 28 4.32 11.58 21.93
C ASN D 28 3.06 11.85 22.76
N ILE D 29 2.68 10.88 23.60
CA ILE D 29 1.47 10.97 24.40
C ILE D 29 1.80 10.59 25.84
N SER D 30 0.86 10.89 26.73
CA SER D 30 0.98 10.54 28.13
C SER D 30 0.46 9.12 28.35
N SER D 31 1.24 8.32 29.10
CA SER D 31 0.86 6.94 29.36
C SER D 31 -0.38 6.83 30.25
N SER D 32 -0.78 7.92 30.92
CA SER D 32 -1.94 7.88 31.81
C SER D 32 -3.25 7.74 31.05
N TRP D 33 -3.25 7.87 29.73
CA TRP D 33 -4.48 7.86 28.95
C TRP D 33 -4.49 6.76 27.89
N ILE D 34 -3.75 5.68 28.12
CA ILE D 34 -3.73 4.51 27.24
C ILE D 34 -4.49 3.39 27.93
N ALA D 35 -5.50 2.84 27.25
CA ALA D 35 -6.26 1.72 27.78
C ALA D 35 -6.21 0.53 26.81
N TRP D 36 -6.52 -0.65 27.34
CA TRP D 36 -6.63 -1.88 26.55
C TRP D 36 -8.01 -2.46 26.74
N TYR D 37 -8.65 -2.83 25.64
CA TYR D 37 -9.97 -3.45 25.68
C TYR D 37 -9.91 -4.86 25.09
N GLN D 38 -10.75 -5.74 25.64
CA GLN D 38 -10.84 -7.13 25.20
C GLN D 38 -12.22 -7.37 24.63
N GLN D 39 -12.26 -8.03 23.47
CA GLN D 39 -13.50 -8.34 22.77
C GLN D 39 -13.57 -9.85 22.54
N ARG D 40 -14.37 -10.53 23.35
CA ARG D 40 -14.66 -11.94 23.13
C ARG D 40 -15.83 -12.06 22.16
N ARG D 41 -15.84 -13.15 21.39
CA ARG D 41 -16.82 -13.28 20.31
C ARG D 41 -18.24 -13.23 20.86
N GLY D 42 -19.09 -12.45 20.20
CA GLY D 42 -20.46 -12.28 20.63
C GLY D 42 -20.65 -11.47 21.89
N GLN D 43 -19.59 -10.91 22.45
CA GLN D 43 -19.67 -10.11 23.66
C GLN D 43 -19.18 -8.69 23.40
N VAL D 44 -19.66 -7.76 24.23
CA VAL D 44 -19.31 -6.36 24.10
C VAL D 44 -17.89 -6.16 24.58
N PRO D 45 -17.20 -5.09 24.16
CA PRO D 45 -15.85 -4.83 24.68
C PRO D 45 -15.86 -4.72 26.20
N ARG D 46 -14.73 -5.07 26.80
CA ARG D 46 -14.53 -4.98 28.24
C ARG D 46 -13.19 -4.32 28.50
N LEU D 47 -13.17 -3.38 29.45
CA LEU D 47 -11.91 -2.73 29.82
C LEU D 47 -11.03 -3.69 30.59
N LEU D 48 -9.80 -3.89 30.10
CA LEU D 48 -8.82 -4.73 30.78
C LEU D 48 -7.85 -3.91 31.61
N ILE D 49 -7.29 -2.86 31.02
CA ILE D 49 -6.24 -2.07 31.64
C ILE D 49 -6.47 -0.61 31.26
N SER D 50 -6.29 0.28 32.23
CA SER D 50 -6.29 1.71 31.98
C SER D 50 -4.97 2.30 32.49
N ALA D 51 -4.67 3.52 32.03
CA ALA D 51 -3.43 4.20 32.40
C ALA D 51 -2.21 3.34 32.10
N ALA D 52 -2.27 2.64 30.96
CA ALA D 52 -1.19 1.83 30.41
C ALA D 52 -0.91 0.56 31.20
N SER D 53 -1.12 0.58 32.52
CA SER D 53 -0.72 -0.56 33.32
C SER D 53 -1.64 -0.85 34.50
N ALA D 54 -2.65 -0.04 34.76
CA ALA D 54 -3.56 -0.27 35.89
C ALA D 54 -4.64 -1.25 35.47
N ARG D 55 -4.67 -2.40 36.15
CA ARG D 55 -5.63 -3.44 35.82
C ARG D 55 -7.00 -3.09 36.38
N ALA D 56 -8.03 -3.17 35.55
CA ALA D 56 -9.38 -2.90 36.01
C ALA D 56 -9.86 -3.99 36.97
N ALA D 57 -10.89 -3.65 37.74
CA ALA D 57 -11.40 -4.57 38.75
C ALA D 57 -11.96 -5.83 38.11
N GLY D 58 -11.65 -6.98 38.71
CA GLY D 58 -12.08 -8.26 38.22
C GLY D 58 -11.24 -8.84 37.09
N ILE D 59 -10.20 -8.14 36.65
CA ILE D 59 -9.37 -8.59 35.55
C ILE D 59 -8.28 -9.50 36.10
N PRO D 60 -8.08 -10.68 35.51
CA PRO D 60 -7.09 -11.62 36.06
C PRO D 60 -5.68 -11.08 36.02
N ASP D 61 -4.84 -11.59 36.93
CA ASP D 61 -3.44 -11.21 36.99
C ASP D 61 -2.65 -11.61 35.75
N ARG D 62 -3.24 -12.41 34.86
CA ARG D 62 -2.56 -12.81 33.64
C ARG D 62 -2.24 -11.63 32.73
N PHE D 63 -2.99 -10.54 32.84
CA PHE D 63 -2.81 -9.37 31.98
C PHE D 63 -1.95 -8.33 32.67
N THR D 64 -0.86 -7.94 32.01
CA THR D 64 -0.01 -6.85 32.47
C THR D 64 0.26 -5.89 31.31
N GLY D 65 0.45 -4.62 31.66
CA GLY D 65 0.66 -3.60 30.65
C GLY D 65 1.94 -2.82 30.93
N ARG D 66 2.57 -2.39 29.84
CA ARG D 66 3.83 -1.66 29.91
C ARG D 66 3.80 -0.51 28.92
N GLY D 67 4.39 0.61 29.31
CA GLY D 67 4.57 1.74 28.41
C GLY D 67 6.05 2.06 28.26
N SER D 68 6.43 2.49 27.06
CA SER D 68 7.82 2.86 26.76
C SER D 68 7.78 3.92 25.66
N GLY D 69 7.67 5.18 26.06
CA GLY D 69 7.54 6.26 25.11
C GLY D 69 6.24 6.18 24.35
N THR D 70 6.32 5.94 23.04
CA THR D 70 5.14 5.79 22.20
C THR D 70 4.71 4.34 22.01
N ASP D 71 5.45 3.39 22.56
CA ASP D 71 5.15 1.97 22.43
C ASP D 71 4.50 1.45 23.71
N PHE D 72 3.37 0.78 23.55
CA PHE D 72 2.62 0.22 24.68
C PHE D 72 2.34 -1.24 24.40
N THR D 73 2.62 -2.10 25.37
CA THR D 73 2.51 -3.54 25.20
C THR D 73 1.55 -4.11 26.23
N LEU D 74 0.77 -5.09 25.78
CA LEU D 74 -0.06 -5.91 26.65
C LEU D 74 0.49 -7.33 26.61
N THR D 75 0.71 -7.90 27.79
CA THR D 75 1.28 -9.24 27.91
C THR D 75 0.24 -10.16 28.55
N ILE D 76 0.02 -11.31 27.92
CA ILE D 76 -0.84 -12.35 28.45
C ILE D 76 0.07 -13.51 28.84
N THR D 77 0.17 -13.79 30.12
CA THR D 77 1.02 -14.87 30.62
C THR D 77 0.16 -16.07 30.97
N ARG D 78 0.51 -17.23 30.42
CA ARG D 78 -0.25 -18.46 30.59
C ARG D 78 -1.71 -18.25 30.21
N LEU D 79 -1.90 -18.14 28.88
CA LEU D 79 -3.22 -17.90 28.33
C LEU D 79 -4.18 -19.03 28.71
N GLU D 80 -5.42 -18.67 28.95
CA GLU D 80 -6.52 -19.60 29.09
C GLU D 80 -7.50 -19.40 27.94
N PRO D 81 -8.37 -20.38 27.66
CA PRO D 81 -9.29 -20.25 26.52
C PRO D 81 -10.17 -19.01 26.57
N GLU D 82 -10.57 -18.56 27.75
CA GLU D 82 -11.39 -17.36 27.85
C GLU D 82 -10.68 -16.11 27.32
N ASP D 83 -9.37 -16.17 27.12
CA ASP D 83 -8.59 -15.03 26.67
C ASP D 83 -8.57 -14.87 25.15
N LEU D 84 -9.12 -15.83 24.40
CA LEU D 84 -9.20 -15.68 22.95
C LEU D 84 -10.15 -14.55 22.59
N GLY D 85 -9.78 -13.79 21.56
CA GLY D 85 -10.61 -12.70 21.11
C GLY D 85 -9.77 -11.59 20.51
N VAL D 86 -10.35 -10.39 20.44
CA VAL D 86 -9.73 -9.24 19.81
C VAL D 86 -9.39 -8.22 20.88
N TYR D 87 -8.14 -7.75 20.88
CA TYR D 87 -7.65 -6.80 21.85
C TYR D 87 -7.33 -5.48 21.15
N SER D 88 -7.89 -4.39 21.68
CA SER D 88 -7.73 -3.08 21.10
C SER D 88 -7.15 -2.12 22.14
N CYS D 89 -6.15 -1.36 21.74
CA CYS D 89 -5.68 -0.26 22.58
C CYS D 89 -6.47 1.00 22.27
N GLN D 90 -6.54 1.88 23.27
CA GLN D 90 -7.36 3.08 23.19
C GLN D 90 -6.62 4.25 23.80
N TYR D 91 -6.71 5.41 23.16
CA TYR D 91 -6.13 6.63 23.68
C TYR D 91 -7.24 7.61 24.03
N TYR D 92 -7.18 8.15 25.24
CA TYR D 92 -8.09 9.22 25.66
C TYR D 92 -7.36 10.55 25.57
N GLY D 93 -7.52 11.25 24.45
CA GLY D 93 -7.30 12.67 24.44
C GLY D 93 -8.47 13.38 25.09
N GLY D 94 -8.19 14.54 25.69
CA GLY D 94 -9.25 15.28 26.34
C GLY D 94 -10.45 15.50 25.43
N SER D 95 -10.19 15.86 24.18
CA SER D 95 -11.24 16.22 23.24
C SER D 95 -11.59 15.10 22.27
N PHE D 96 -10.94 13.94 22.36
CA PHE D 96 -11.23 12.87 21.43
C PHE D 96 -10.74 11.54 21.99
N PHE D 97 -11.41 10.47 21.58
CA PHE D 97 -10.90 9.12 21.72
C PHE D 97 -10.41 8.61 20.38
N THR D 98 -9.49 7.65 20.42
CA THR D 98 -9.12 6.90 19.24
C THR D 98 -8.77 5.48 19.65
N PHE D 99 -8.96 4.55 18.73
CA PHE D 99 -8.72 3.14 18.97
C PHE D 99 -7.72 2.61 17.96
N GLY D 100 -6.94 1.62 18.39
CA GLY D 100 -6.15 0.84 17.46
C GLY D 100 -7.06 -0.07 16.65
N PRO D 101 -6.51 -0.69 15.61
CA PRO D 101 -7.33 -1.54 14.72
C PRO D 101 -7.69 -2.88 15.32
N GLY D 102 -7.07 -3.28 16.44
CA GLY D 102 -7.34 -4.56 17.04
C GLY D 102 -6.32 -5.62 16.67
N THR D 103 -5.99 -6.49 17.62
CA THR D 103 -5.17 -7.67 17.37
C THR D 103 -5.96 -8.89 17.80
N GLN D 104 -6.06 -9.88 16.91
CA GLN D 104 -6.77 -11.11 17.22
C GLN D 104 -5.82 -12.11 17.87
N VAL D 105 -6.26 -12.67 19.00
CA VAL D 105 -5.54 -13.76 19.65
C VAL D 105 -6.30 -15.04 19.37
N ASP D 106 -5.66 -16.01 18.71
CA ASP D 106 -6.32 -17.23 18.28
C ASP D 106 -5.48 -18.44 18.72
N VAL D 107 -5.98 -19.64 18.37
CA VAL D 107 -5.43 -20.89 18.86
C VAL D 107 -4.30 -21.33 17.94
N LYS D 108 -3.16 -21.67 18.54
CA LYS D 108 -1.99 -22.08 17.78
C LYS D 108 -2.10 -23.52 17.32
N ARG D 109 -1.60 -23.79 16.12
CA ARG D 109 -1.44 -25.14 15.60
C ARG D 109 -0.34 -25.10 14.56
N THR D 110 -0.10 -26.23 13.91
CA THR D 110 0.93 -26.26 12.88
C THR D 110 0.45 -25.58 11.60
N VAL D 111 1.41 -25.16 10.78
CA VAL D 111 1.09 -24.45 9.55
C VAL D 111 0.45 -25.42 8.57
N ALA D 112 -0.64 -24.98 7.94
CA ALA D 112 -1.34 -25.77 6.93
C ALA D 112 -1.65 -24.88 5.75
N ALA D 113 -1.20 -25.29 4.56
CA ALA D 113 -1.47 -24.52 3.37
C ALA D 113 -2.92 -24.72 2.94
N PRO D 114 -3.52 -23.71 2.33
CA PRO D 114 -4.90 -23.87 1.85
C PRO D 114 -4.96 -24.72 0.59
N SER D 115 -6.03 -25.52 0.50
CA SER D 115 -6.47 -26.06 -0.77
C SER D 115 -7.30 -25.00 -1.48
N VAL D 116 -7.04 -24.78 -2.76
CA VAL D 116 -7.61 -23.67 -3.50
C VAL D 116 -8.51 -24.20 -4.61
N PHE D 117 -9.67 -23.57 -4.77
CA PHE D 117 -10.65 -23.95 -5.78
C PHE D 117 -11.24 -22.69 -6.39
N ILE D 118 -11.50 -22.71 -7.68
CA ILE D 118 -12.13 -21.59 -8.38
C ILE D 118 -13.41 -22.08 -9.05
N PHE D 119 -14.44 -21.24 -9.03
CA PHE D 119 -15.76 -21.58 -9.56
C PHE D 119 -16.18 -20.52 -10.57
N PRO D 120 -16.42 -20.88 -11.82
CA PRO D 120 -16.96 -19.90 -12.78
C PRO D 120 -18.39 -19.55 -12.41
N PRO D 121 -18.91 -18.42 -12.89
CA PRO D 121 -20.33 -18.14 -12.68
C PRO D 121 -21.18 -19.17 -13.42
N SER D 122 -22.33 -19.48 -12.84
CA SER D 122 -23.24 -20.43 -13.46
C SER D 122 -23.94 -19.81 -14.66
N ASP D 123 -24.34 -20.66 -15.60
CA ASP D 123 -25.12 -20.18 -16.75
C ASP D 123 -26.42 -19.54 -16.29
N GLU D 124 -27.01 -20.06 -15.21
CA GLU D 124 -28.25 -19.47 -14.69
C GLU D 124 -28.02 -18.03 -14.23
N GLN D 125 -26.93 -17.78 -13.50
CA GLN D 125 -26.68 -16.42 -13.03
C GLN D 125 -26.42 -15.46 -14.18
N LEU D 126 -25.72 -15.93 -15.22
CA LEU D 126 -25.43 -15.06 -16.36
C LEU D 126 -26.70 -14.53 -17.00
N LYS D 127 -27.77 -15.33 -17.01
CA LYS D 127 -29.06 -14.87 -17.54
C LYS D 127 -29.60 -13.67 -16.78
N SER D 128 -29.14 -13.44 -15.54
CA SER D 128 -29.61 -12.34 -14.72
C SER D 128 -28.83 -11.06 -14.95
N GLY D 129 -27.80 -11.07 -15.80
CA GLY D 129 -27.02 -9.89 -16.08
C GLY D 129 -25.82 -9.67 -15.19
N THR D 130 -25.52 -10.58 -14.26
CA THR D 130 -24.38 -10.45 -13.38
C THR D 130 -23.61 -11.76 -13.35
N ALA D 131 -22.32 -11.66 -13.04
CA ALA D 131 -21.42 -12.81 -12.99
C ALA D 131 -20.62 -12.75 -11.71
N SER D 132 -20.66 -13.83 -10.95
CA SER D 132 -19.89 -13.97 -9.71
C SER D 132 -18.87 -15.08 -9.88
N VAL D 133 -17.60 -14.76 -9.62
CA VAL D 133 -16.52 -15.74 -9.63
C VAL D 133 -16.05 -15.93 -8.20
N VAL D 134 -15.97 -17.18 -7.77
CA VAL D 134 -15.64 -17.50 -6.38
C VAL D 134 -14.33 -18.25 -6.33
N CYS D 135 -13.48 -17.86 -5.39
CA CYS D 135 -12.24 -18.57 -5.08
C CYS D 135 -12.31 -19.03 -3.64
N LEU D 136 -12.04 -20.31 -3.42
CA LEU D 136 -12.13 -20.91 -2.09
C LEU D 136 -10.74 -21.30 -1.59
N LEU D 137 -10.42 -20.87 -0.38
CA LEU D 137 -9.23 -21.32 0.34
C LEU D 137 -9.73 -22.14 1.54
N ASN D 138 -9.41 -23.44 1.55
CA ASN D 138 -10.02 -24.38 2.47
C ASN D 138 -9.01 -24.87 3.50
N ASN D 139 -9.34 -24.70 4.77
CA ASN D 139 -8.65 -25.36 5.88
C ASN D 139 -7.17 -24.98 5.95
N PHE D 140 -6.91 -23.69 6.13
CA PHE D 140 -5.54 -23.23 6.22
C PHE D 140 -5.26 -22.64 7.60
N TYR D 141 -3.96 -22.50 7.88
CA TYR D 141 -3.48 -21.86 9.09
C TYR D 141 -2.02 -21.50 8.86
N PRO D 142 -1.55 -20.33 9.31
CA PRO D 142 -2.28 -19.32 10.08
C PRO D 142 -3.26 -18.50 9.25
N ARG D 143 -3.85 -17.50 9.92
CA ARG D 143 -4.97 -16.76 9.35
C ARG D 143 -4.56 -15.92 8.14
N GLU D 144 -3.36 -15.32 8.17
CA GLU D 144 -2.95 -14.43 7.09
C GLU D 144 -2.92 -15.15 5.75
N ALA D 145 -3.60 -14.59 4.77
CA ALA D 145 -3.65 -15.15 3.42
C ALA D 145 -3.91 -14.03 2.43
N LYS D 146 -3.25 -14.09 1.28
CA LYS D 146 -3.37 -13.06 0.25
C LYS D 146 -4.00 -13.68 -0.99
N VAL D 147 -5.12 -13.11 -1.44
CA VAL D 147 -5.83 -13.57 -2.63
C VAL D 147 -5.87 -12.42 -3.63
N GLN D 148 -5.48 -12.71 -4.87
CA GLN D 148 -5.47 -11.71 -5.94
C GLN D 148 -6.19 -12.25 -7.15
N TRP D 149 -6.96 -11.40 -7.80
CA TRP D 149 -7.72 -11.75 -8.99
C TRP D 149 -7.04 -11.17 -10.22
N LYS D 150 -6.84 -12.00 -11.24
CA LYS D 150 -6.32 -11.55 -12.53
C LYS D 150 -7.31 -11.91 -13.64
N VAL D 151 -7.72 -10.92 -14.40
CA VAL D 151 -8.59 -11.10 -15.56
C VAL D 151 -7.77 -10.72 -16.79
N ASP D 152 -7.46 -11.71 -17.62
CA ASP D 152 -6.55 -11.53 -18.76
C ASP D 152 -5.23 -10.91 -18.33
N ASN D 153 -4.66 -11.46 -17.24
CA ASN D 153 -3.40 -11.06 -16.63
C ASN D 153 -3.45 -9.69 -15.96
N ALA D 154 -4.59 -9.00 -15.97
CA ALA D 154 -4.69 -7.69 -15.34
C ALA D 154 -5.20 -7.84 -13.91
N LEU D 155 -4.48 -7.24 -12.97
CA LEU D 155 -4.86 -7.30 -11.56
C LEU D 155 -6.16 -6.53 -11.33
N GLN D 156 -7.08 -7.16 -10.60
CA GLN D 156 -8.35 -6.54 -10.25
C GLN D 156 -8.26 -5.88 -8.88
N SER D 157 -9.04 -4.81 -8.70
CA SER D 157 -9.16 -4.18 -7.41
C SER D 157 -10.53 -3.53 -7.30
N GLY D 158 -11.05 -3.46 -6.07
CA GLY D 158 -12.30 -2.79 -5.80
C GLY D 158 -13.56 -3.54 -6.18
N ASN D 159 -13.44 -4.70 -6.85
CA ASN D 159 -14.60 -5.44 -7.34
C ASN D 159 -14.69 -6.83 -6.71
N SER D 160 -14.00 -7.07 -5.59
CA SER D 160 -14.08 -8.35 -4.91
C SER D 160 -14.30 -8.13 -3.43
N GLN D 161 -14.86 -9.15 -2.78
CA GLN D 161 -15.07 -9.17 -1.34
C GLN D 161 -14.69 -10.54 -0.83
N GLU D 162 -14.07 -10.58 0.35
CA GLU D 162 -13.71 -11.87 0.92
C GLU D 162 -14.38 -12.05 2.28
N SER D 163 -14.57 -13.31 2.64
CA SER D 163 -15.25 -13.68 3.87
C SER D 163 -14.53 -14.87 4.48
N VAL D 164 -14.41 -14.89 5.80
CA VAL D 164 -13.61 -15.88 6.50
C VAL D 164 -14.46 -16.51 7.59
N THR D 165 -14.27 -17.81 7.78
CA THR D 165 -14.95 -18.52 8.86
C THR D 165 -14.26 -18.24 10.19
N GLU D 166 -14.97 -18.55 11.28
CA GLU D 166 -14.32 -18.59 12.58
C GLU D 166 -13.34 -19.75 12.62
N GLN D 167 -12.37 -19.66 13.53
CA GLN D 167 -11.39 -20.73 13.65
C GLN D 167 -12.11 -22.02 14.06
N ASP D 168 -11.83 -23.09 13.32
CA ASP D 168 -12.56 -24.33 13.51
C ASP D 168 -12.26 -24.92 14.89
N SER D 169 -13.32 -25.31 15.60
CA SER D 169 -13.15 -25.83 16.96
C SER D 169 -12.46 -27.19 16.98
N LYS D 170 -12.45 -27.92 15.86
CA LYS D 170 -11.88 -29.27 15.81
C LYS D 170 -10.44 -29.29 15.31
N ASP D 171 -10.13 -28.59 14.21
CA ASP D 171 -8.80 -28.61 13.65
C ASP D 171 -8.09 -27.25 13.65
N SER D 172 -8.74 -26.20 14.17
CA SER D 172 -8.12 -24.88 14.36
C SER D 172 -7.70 -24.24 13.04
N THR D 173 -8.39 -24.57 11.95
CA THR D 173 -8.09 -23.95 10.66
C THR D 173 -9.13 -22.90 10.32
N TYR D 174 -8.79 -22.09 9.32
CA TYR D 174 -9.69 -21.12 8.72
C TYR D 174 -10.02 -21.56 7.31
N SER D 175 -11.15 -21.05 6.81
CA SER D 175 -11.48 -21.13 5.41
C SER D 175 -11.90 -19.74 4.96
N LEU D 176 -11.70 -19.44 3.68
CA LEU D 176 -11.92 -18.10 3.16
C LEU D 176 -12.52 -18.21 1.77
N SER D 177 -13.50 -17.36 1.51
CA SER D 177 -14.05 -17.20 0.17
C SER D 177 -13.71 -15.79 -0.32
N SER D 178 -13.43 -15.69 -1.61
CA SER D 178 -13.24 -14.41 -2.27
C SER D 178 -14.11 -14.40 -3.51
N THR D 179 -14.98 -13.40 -3.62
CA THR D 179 -16.00 -13.35 -4.66
C THR D 179 -15.77 -12.12 -5.53
N LEU D 180 -15.46 -12.36 -6.80
CA LEU D 180 -15.28 -11.30 -7.78
C LEU D 180 -16.62 -11.09 -8.51
N THR D 181 -17.12 -9.86 -8.47
CA THR D 181 -18.42 -9.53 -9.05
C THR D 181 -18.23 -8.69 -10.30
N LEU D 182 -18.73 -9.17 -11.42
CA LEU D 182 -18.67 -8.48 -12.70
C LEU D 182 -20.06 -8.45 -13.33
N SER D 183 -20.28 -7.42 -14.14
CA SER D 183 -21.46 -7.43 -15.00
C SER D 183 -21.31 -8.50 -16.07
N LYS D 184 -22.45 -8.98 -16.57
CA LYS D 184 -22.41 -9.98 -17.64
C LYS D 184 -21.69 -9.43 -18.87
N ALA D 185 -21.90 -8.15 -19.18
CA ALA D 185 -21.23 -7.55 -20.33
C ALA D 185 -19.71 -7.54 -20.15
N ASP D 186 -19.24 -7.10 -18.97
CA ASP D 186 -17.80 -7.08 -18.73
C ASP D 186 -17.23 -8.49 -18.65
N TYR D 187 -18.00 -9.46 -18.16
CA TYR D 187 -17.51 -10.83 -18.05
C TYR D 187 -17.26 -11.44 -19.43
N GLU D 188 -18.13 -11.13 -20.40
CA GLU D 188 -18.00 -11.71 -21.74
C GLU D 188 -16.88 -11.08 -22.56
N LYS D 189 -16.21 -10.05 -22.05
CA LYS D 189 -15.16 -9.36 -22.78
C LYS D 189 -13.77 -9.91 -22.49
N HIS D 190 -13.65 -10.92 -21.61
CA HIS D 190 -12.35 -11.45 -21.25
C HIS D 190 -12.42 -12.96 -21.25
N LYS D 191 -11.26 -13.60 -21.37
CA LYS D 191 -11.17 -15.05 -21.47
C LYS D 191 -10.66 -15.72 -20.20
N VAL D 192 -9.53 -15.26 -19.66
CA VAL D 192 -8.83 -15.97 -18.59
C VAL D 192 -9.19 -15.32 -17.26
N TYR D 193 -9.77 -16.10 -16.36
CA TYR D 193 -10.07 -15.67 -14.99
C TYR D 193 -9.23 -16.51 -14.04
N ALA D 194 -8.49 -15.86 -13.17
CA ALA D 194 -7.50 -16.56 -12.35
C ALA D 194 -7.52 -16.03 -10.93
N CYS D 195 -7.35 -16.95 -9.99
CA CYS D 195 -7.22 -16.63 -8.57
C CYS D 195 -5.82 -17.05 -8.12
N GLU D 196 -5.10 -16.14 -7.48
CA GLU D 196 -3.72 -16.37 -7.07
C GLU D 196 -3.59 -16.20 -5.57
N VAL D 197 -3.05 -17.22 -4.89
CA VAL D 197 -3.06 -17.30 -3.44
C VAL D 197 -1.63 -17.31 -2.93
N THR D 198 -1.38 -16.50 -1.91
CA THR D 198 -0.10 -16.44 -1.21
C THR D 198 -0.34 -16.82 0.23
N HIS D 199 0.45 -17.77 0.75
CA HIS D 199 0.31 -18.19 2.13
C HIS D 199 1.65 -18.69 2.64
N GLN D 200 1.88 -18.52 3.94
CA GLN D 200 3.11 -18.99 4.56
C GLN D 200 3.36 -20.47 4.32
N GLY D 201 2.31 -21.27 4.23
CA GLY D 201 2.46 -22.70 4.09
C GLY D 201 2.82 -23.19 2.70
N LEU D 202 2.85 -22.31 1.71
CA LEU D 202 3.14 -22.69 0.34
C LEU D 202 4.61 -22.49 -0.01
N SER D 203 5.13 -23.37 -0.86
CA SER D 203 6.48 -23.22 -1.38
C SER D 203 6.51 -22.40 -2.67
N SER D 204 5.41 -22.37 -3.41
CA SER D 204 5.26 -21.60 -4.63
C SER D 204 3.83 -21.09 -4.69
N PRO D 205 3.58 -19.98 -5.39
CA PRO D 205 2.23 -19.45 -5.46
C PRO D 205 1.29 -20.43 -6.16
N VAL D 206 0.10 -20.58 -5.60
CA VAL D 206 -0.93 -21.43 -6.18
C VAL D 206 -1.83 -20.56 -7.04
N THR D 207 -2.09 -21.02 -8.27
CA THR D 207 -2.98 -20.32 -9.18
C THR D 207 -4.04 -21.29 -9.67
N LYS D 208 -5.30 -20.88 -9.56
CA LYS D 208 -6.42 -21.62 -10.13
C LYS D 208 -7.09 -20.72 -11.15
N SER D 209 -7.34 -21.25 -12.35
CA SER D 209 -7.86 -20.43 -13.42
C SER D 209 -8.78 -21.24 -14.31
N PHE D 210 -9.58 -20.53 -15.10
CA PHE D 210 -10.40 -21.15 -16.13
C PHE D 210 -10.52 -20.19 -17.30
N ASN D 211 -10.72 -20.75 -18.49
CA ASN D 211 -11.06 -19.97 -19.66
C ASN D 211 -12.58 -19.89 -19.76
N ARG D 212 -13.11 -18.66 -19.86
CA ARG D 212 -14.55 -18.48 -19.98
C ARG D 212 -15.08 -19.24 -21.19
N GLY D 213 -16.07 -20.11 -20.94
CA GLY D 213 -16.70 -20.86 -21.99
C GLY D 213 -16.10 -22.23 -22.26
N GLU D 214 -15.27 -22.75 -21.37
CA GLU D 214 -14.68 -24.06 -21.54
C GLU D 214 -15.07 -24.97 -20.38
N CYS D 215 -14.95 -26.27 -20.59
CA CYS D 215 -15.24 -27.26 -19.56
C CYS D 215 -13.95 -27.89 -19.04
#